data_3A9Y
#
_entry.id   3A9Y
#
_cell.length_a   55.068
_cell.length_b   101.765
_cell.length_c   196.734
_cell.angle_alpha   90.00
_cell.angle_beta   90.00
_cell.angle_gamma   90.00
#
_symmetry.space_group_name_H-M   'P 21 21 21'
#
loop_
_entity.id
_entity.type
_entity.pdbx_description
1 polymer 'Selenocysteine lyase'
2 non-polymer CYSTEINE
3 non-polymer GLYCEROL
4 non-polymer "PYRIDOXAL-5'-PHOSPHATE"
5 non-polymer 'PHOSPHATE ION'
6 water water
#
_entity_poly.entity_id   1
_entity_poly.type   'polypeptide(L)'
_entity_poly.pdbx_seq_one_letter_code
;MDVARNGARGSVESPPNRKVYMDYNATTPLEPEVIQAVTEAMKEAWGNPSSSYVAGRKAKDIINTARASLAKMIGGKPQD
IIFTSGGTESNNLVIHSTVRCFHEQQTLQGRTVDQISPEEGTRPHFITCTVEHDSIRLPLEHLVEDQVAEVTFVPVSKVN
GQVEVEDILAAVRPTTCLVTIMLANNETGVIMPISEISRRIKALNQIRAASGLPRVLVHTDAAQALGKRRVDVEDLGVDF
LTIVGHKFYGPRIGALYVRGVGKLTPLYPMLFGGGQERNFRPGTENTPMIAGLGKAADLVSENCETYEAHMRDIRDYLEE
RLEAEFGKRIHLNSRFPGVERLPNTCNFSIQGSQLRGYMVLAQCQTLLASVGASCHSDHEDRPSPVLLSCGIPVDVARNA
VRLSVGRSTTRAEVDLIVQDLKQAVNQLEGPV
;
_entity_poly.pdbx_strand_id   A,B
#
# COMPACT_ATOMS: atom_id res chain seq x y z
N ARG A 18 -21.99 24.51 7.88
CA ARG A 18 -23.42 24.55 7.46
C ARG A 18 -23.87 23.18 6.97
N LYS A 19 -22.92 22.31 6.64
CA LYS A 19 -23.26 20.98 6.16
C LYS A 19 -23.39 19.98 7.31
N VAL A 20 -24.16 18.93 7.06
CA VAL A 20 -24.34 17.87 8.04
C VAL A 20 -23.87 16.58 7.35
N TYR A 21 -22.79 16.01 7.86
CA TYR A 21 -22.23 14.79 7.29
C TYR A 21 -22.94 13.56 7.81
N MET A 22 -23.41 12.73 6.87
CA MET A 22 -24.05 11.46 7.23
C MET A 22 -23.59 10.40 6.23
N ASP A 23 -22.29 10.34 5.99
CA ASP A 23 -21.71 9.39 5.06
C ASP A 23 -20.46 8.74 5.68
N TYR A 24 -20.54 8.46 6.98
CA TYR A 24 -19.42 7.86 7.70
C TYR A 24 -19.06 6.47 7.20
N ASN A 25 -19.99 5.80 6.52
CA ASN A 25 -19.71 4.48 5.97
C ASN A 25 -18.84 4.61 4.71
N ALA A 26 -18.80 5.81 4.14
CA ALA A 26 -17.98 6.08 2.96
C ALA A 26 -16.55 6.30 3.43
N THR A 27 -16.42 7.10 4.48
CA THR A 27 -15.15 7.38 5.12
C THR A 27 -15.44 8.25 6.32
N THR A 28 -14.48 8.34 7.23
CA THR A 28 -14.67 9.12 8.45
C THR A 28 -13.55 10.13 8.58
N PRO A 29 -13.79 11.23 9.31
CA PRO A 29 -12.71 12.21 9.47
C PRO A 29 -11.78 11.61 10.51
N LEU A 30 -10.59 12.18 10.67
CA LEU A 30 -9.65 11.67 11.65
C LEU A 30 -9.92 12.30 13.01
N GLU A 31 -9.79 11.50 14.07
CA GLU A 31 -9.98 12.03 15.42
C GLU A 31 -8.77 12.91 15.68
N PRO A 32 -8.95 14.01 16.44
CA PRO A 32 -7.83 14.91 16.72
C PRO A 32 -6.59 14.20 17.21
N GLU A 33 -6.78 13.22 18.09
CA GLU A 33 -5.65 12.49 18.64
C GLU A 33 -4.92 11.69 17.56
N VAL A 34 -5.68 11.17 16.60
CA VAL A 34 -5.08 10.41 15.51
C VAL A 34 -4.18 11.35 14.72
N ILE A 35 -4.71 12.52 14.38
CA ILE A 35 -3.94 13.49 13.63
C ILE A 35 -2.64 13.86 14.37
N GLN A 36 -2.73 14.02 15.69
CA GLN A 36 -1.56 14.38 16.47
C GLN A 36 -0.54 13.23 16.44
N ALA A 37 -1.02 12.00 16.58
CA ALA A 37 -0.14 10.83 16.54
C ALA A 37 0.62 10.78 15.22
N VAL A 38 -0.08 11.03 14.12
CA VAL A 38 0.54 11.01 12.81
C VAL A 38 1.57 12.13 12.67
N THR A 39 1.20 13.34 13.07
CA THR A 39 2.11 14.48 12.98
C THR A 39 3.35 14.26 13.83
N GLU A 40 3.16 13.77 15.05
CA GLU A 40 4.27 13.50 15.96
C GLU A 40 5.23 12.49 15.36
N ALA A 41 4.67 11.41 14.81
CA ALA A 41 5.48 10.36 14.21
C ALA A 41 6.27 10.91 13.01
N MET A 42 5.65 11.76 12.20
CA MET A 42 6.34 12.33 11.06
C MET A 42 7.58 13.11 11.47
N LYS A 43 7.46 13.87 12.55
CA LYS A 43 8.55 14.71 13.02
C LYS A 43 9.61 14.03 13.87
N GLU A 44 9.17 13.20 14.80
CA GLU A 44 10.06 12.54 15.75
C GLU A 44 10.48 11.11 15.50
N ALA A 45 9.75 10.39 14.64
CA ALA A 45 10.06 8.99 14.39
C ALA A 45 10.22 8.72 12.91
N TRP A 46 11.03 9.54 12.25
CA TRP A 46 11.22 9.43 10.81
C TRP A 46 12.24 8.40 10.33
N GLY A 47 13.05 7.88 11.25
CA GLY A 47 14.07 6.92 10.87
C GLY A 47 13.56 5.60 10.30
N ASN A 48 14.40 4.95 9.51
CA ASN A 48 14.03 3.66 8.92
C ASN A 48 13.91 2.66 10.05
N PRO A 49 12.74 2.01 10.19
CA PRO A 49 12.55 1.02 11.25
C PRO A 49 13.56 -0.14 11.27
N SER A 50 14.21 -0.40 10.14
CA SER A 50 15.18 -1.49 10.04
C SER A 50 16.61 -1.09 10.41
N SER A 51 16.83 0.21 10.57
CA SER A 51 18.17 0.72 10.88
C SER A 51 18.74 0.37 12.25
N SER A 52 20.04 0.08 12.26
CA SER A 52 20.79 -0.30 13.46
C SER A 52 21.30 0.87 14.30
N TYR A 53 20.40 1.72 14.75
CA TYR A 53 20.74 2.83 15.62
C TYR A 53 19.43 3.31 16.24
N VAL A 54 19.54 4.06 17.33
CA VAL A 54 18.37 4.53 18.06
C VAL A 54 17.26 5.13 17.20
N ALA A 55 17.58 6.00 16.26
CA ALA A 55 16.56 6.59 15.38
C ALA A 55 15.67 5.50 14.76
N GLY A 56 16.27 4.42 14.31
CA GLY A 56 15.51 3.33 13.70
C GLY A 56 14.74 2.54 14.74
N ARG A 57 15.34 2.38 15.90
CA ARG A 57 14.75 1.64 17.02
C ARG A 57 13.49 2.38 17.52
N LYS A 58 13.53 3.71 17.52
CA LYS A 58 12.39 4.50 18.00
C LYS A 58 11.15 4.39 17.12
N ALA A 59 11.36 4.24 15.82
CA ALA A 59 10.23 4.10 14.91
C ALA A 59 9.66 2.70 15.07
N LYS A 60 10.53 1.71 15.22
CA LYS A 60 10.06 0.33 15.37
C LYS A 60 9.20 0.20 16.62
N ASP A 61 9.57 0.90 17.68
CA ASP A 61 8.78 0.81 18.90
C ASP A 61 7.39 1.39 18.71
N ILE A 62 7.29 2.46 17.92
CA ILE A 62 5.99 3.06 17.66
C ILE A 62 5.15 2.03 16.90
N ILE A 63 5.79 1.32 15.98
CA ILE A 63 5.11 0.30 15.20
C ILE A 63 4.65 -0.86 16.08
N ASN A 64 5.50 -1.29 17.01
CA ASN A 64 5.14 -2.40 17.90
C ASN A 64 3.93 -2.03 18.75
N THR A 65 3.93 -0.80 19.26
CA THR A 65 2.84 -0.32 20.09
C THR A 65 1.53 -0.32 19.33
N ALA A 66 1.59 0.10 18.07
CA ALA A 66 0.40 0.14 17.23
C ALA A 66 -0.10 -1.28 16.96
N ARG A 67 0.84 -2.20 16.77
CA ARG A 67 0.48 -3.59 16.51
C ARG A 67 -0.30 -4.11 17.71
N ALA A 68 0.18 -3.83 18.91
CA ALA A 68 -0.50 -4.25 20.14
C ALA A 68 -1.86 -3.58 20.22
N SER A 69 -1.94 -2.32 19.82
CA SER A 69 -3.19 -1.58 19.86
C SER A 69 -4.25 -2.23 18.97
N LEU A 70 -3.86 -2.60 17.75
CA LEU A 70 -4.81 -3.25 16.85
C LEU A 70 -5.26 -4.58 17.41
N ALA A 71 -4.31 -5.34 17.96
CA ALA A 71 -4.60 -6.64 18.53
C ALA A 71 -5.62 -6.54 19.66
N LYS A 72 -5.44 -5.54 20.53
CA LYS A 72 -6.35 -5.34 21.65
C LYS A 72 -7.75 -4.98 21.15
N MET A 73 -7.81 -4.14 20.12
CA MET A 73 -9.09 -3.73 19.56
C MET A 73 -9.97 -4.91 19.12
N ILE A 74 -9.37 -5.94 18.53
CA ILE A 74 -10.13 -7.09 18.07
C ILE A 74 -10.01 -8.35 18.92
N GLY A 75 -9.40 -8.24 20.09
CA GLY A 75 -9.27 -9.38 20.98
C GLY A 75 -8.24 -10.41 20.54
N GLY A 76 -7.27 -9.99 19.74
CA GLY A 76 -6.23 -10.90 19.29
C GLY A 76 -4.88 -10.63 19.93
N LYS A 77 -3.82 -11.17 19.34
CA LYS A 77 -2.48 -10.98 19.85
C LYS A 77 -1.66 -10.18 18.85
N PRO A 78 -0.70 -9.38 19.35
CA PRO A 78 0.17 -8.55 18.50
C PRO A 78 0.75 -9.32 17.32
N GLN A 79 1.27 -10.51 17.61
CA GLN A 79 1.90 -11.37 16.62
C GLN A 79 0.99 -11.73 15.43
N ASP A 80 -0.31 -11.59 15.62
CA ASP A 80 -1.24 -11.94 14.57
C ASP A 80 -1.72 -10.77 13.72
N ILE A 81 -1.06 -9.63 13.88
CA ILE A 81 -1.39 -8.44 13.13
C ILE A 81 -0.35 -8.14 12.07
N ILE A 82 -0.81 -7.91 10.84
CA ILE A 82 0.06 -7.58 9.73
C ILE A 82 -0.48 -6.30 9.10
N PHE A 83 0.35 -5.27 9.06
CA PHE A 83 -0.05 -4.00 8.48
C PHE A 83 -0.06 -4.05 6.95
N THR A 84 -1.04 -3.36 6.36
CA THR A 84 -1.16 -3.29 4.91
C THR A 84 -1.49 -1.85 4.52
N SER A 85 -1.62 -1.59 3.22
CA SER A 85 -1.92 -0.25 2.73
C SER A 85 -3.40 0.11 2.82
N GLY A 86 -4.22 -0.82 3.25
CA GLY A 86 -5.65 -0.55 3.35
C GLY A 86 -6.51 -1.79 3.21
N GLY A 87 -7.82 -1.61 3.26
CA GLY A 87 -8.73 -2.72 3.15
C GLY A 87 -8.60 -3.54 1.87
N THR A 88 -8.46 -2.85 0.75
CA THR A 88 -8.35 -3.52 -0.53
C THR A 88 -7.16 -4.48 -0.55
N GLU A 89 -6.00 -4.00 -0.11
CA GLU A 89 -4.82 -4.87 -0.07
C GLU A 89 -5.08 -6.05 0.85
N SER A 90 -5.62 -5.80 2.04
CA SER A 90 -5.89 -6.87 2.99
C SER A 90 -6.80 -7.95 2.38
N ASN A 91 -7.90 -7.53 1.75
CA ASN A 91 -8.82 -8.48 1.15
C ASN A 91 -8.19 -9.27 -0.01
N ASN A 92 -7.44 -8.58 -0.86
CA ASN A 92 -6.78 -9.26 -1.98
C ASN A 92 -5.73 -10.24 -1.46
N LEU A 93 -5.04 -9.84 -0.40
CA LEU A 93 -4.00 -10.67 0.19
C LEU A 93 -4.51 -12.00 0.72
N VAL A 94 -5.63 -12.00 1.44
CA VAL A 94 -6.15 -13.25 1.98
C VAL A 94 -6.59 -14.20 0.85
N ILE A 95 -7.14 -13.64 -0.23
CA ILE A 95 -7.58 -14.44 -1.36
C ILE A 95 -6.37 -15.04 -2.08
N HIS A 96 -5.35 -14.22 -2.31
CA HIS A 96 -4.12 -14.64 -2.97
C HIS A 96 -3.45 -15.76 -2.17
N SER A 97 -3.29 -15.52 -0.87
CA SER A 97 -2.64 -16.47 0.02
C SER A 97 -3.35 -17.82 -0.01
N THR A 98 -4.68 -17.78 -0.06
CA THR A 98 -5.46 -19.01 -0.09
C THR A 98 -5.17 -19.84 -1.34
N VAL A 99 -5.06 -19.18 -2.49
CA VAL A 99 -4.76 -19.88 -3.73
C VAL A 99 -3.41 -20.58 -3.58
N ARG A 100 -2.42 -19.82 -3.10
CA ARG A 100 -1.08 -20.36 -2.91
C ARG A 100 -1.13 -21.55 -1.95
N CYS A 101 -1.71 -21.34 -0.77
CA CYS A 101 -1.80 -22.40 0.23
C CYS A 101 -2.36 -23.70 -0.35
N PHE A 102 -3.46 -23.60 -1.10
CA PHE A 102 -4.10 -24.76 -1.72
C PHE A 102 -3.08 -25.59 -2.49
N HIS A 103 -2.37 -24.94 -3.41
CA HIS A 103 -1.39 -25.65 -4.21
C HIS A 103 -0.21 -26.17 -3.40
N GLU A 104 0.29 -25.37 -2.47
CA GLU A 104 1.42 -25.78 -1.63
C GLU A 104 1.11 -27.08 -0.90
N GLN A 105 -0.03 -27.11 -0.21
CA GLN A 105 -0.41 -28.30 0.51
C GLN A 105 -0.45 -29.52 -0.40
N GLN A 106 -1.01 -29.35 -1.60
CA GLN A 106 -1.06 -30.47 -2.53
C GLN A 106 0.34 -30.92 -2.96
N THR A 107 1.20 -29.97 -3.31
CA THR A 107 2.57 -30.27 -3.73
C THR A 107 3.30 -31.08 -2.67
N LEU A 108 2.96 -30.82 -1.40
CA LEU A 108 3.58 -31.54 -0.29
C LEU A 108 3.03 -32.96 -0.22
N GLY A 121 -4.58 -27.52 -13.63
CA GLY A 121 -4.84 -28.90 -13.28
C GLY A 121 -5.89 -29.09 -12.19
N THR A 122 -5.65 -28.45 -11.04
CA THR A 122 -6.55 -28.54 -9.90
C THR A 122 -6.88 -27.11 -9.47
N ARG A 123 -8.08 -26.88 -8.96
CA ARG A 123 -8.44 -25.54 -8.55
C ARG A 123 -9.08 -25.42 -7.17
N PRO A 124 -8.65 -24.43 -6.39
CA PRO A 124 -9.17 -24.18 -5.04
C PRO A 124 -10.58 -23.64 -5.20
N HIS A 125 -11.43 -23.85 -4.21
CA HIS A 125 -12.80 -23.35 -4.27
C HIS A 125 -13.03 -22.39 -3.11
N PHE A 126 -13.71 -21.29 -3.40
CA PHE A 126 -14.03 -20.26 -2.42
C PHE A 126 -15.53 -20.13 -2.25
N ILE A 127 -15.95 -19.70 -1.06
CA ILE A 127 -17.37 -19.46 -0.78
C ILE A 127 -17.47 -18.03 -0.24
N THR A 128 -18.37 -17.25 -0.81
CA THR A 128 -18.58 -15.88 -0.34
C THR A 128 -20.07 -15.61 -0.56
N CYS A 129 -20.51 -14.36 -0.41
CA CYS A 129 -21.91 -14.05 -0.64
C CYS A 129 -22.00 -13.00 -1.75
N THR A 130 -23.22 -12.75 -2.21
CA THR A 130 -23.46 -11.82 -3.30
C THR A 130 -23.40 -10.32 -3.00
N VAL A 131 -23.17 -9.94 -1.76
CA VAL A 131 -23.12 -8.52 -1.42
C VAL A 131 -21.81 -8.00 -0.86
N GLU A 132 -20.71 -8.69 -1.17
CA GLU A 132 -19.40 -8.28 -0.69
C GLU A 132 -18.91 -7.00 -1.38
N HIS A 133 -17.96 -6.33 -0.74
CA HIS A 133 -17.35 -5.11 -1.26
C HIS A 133 -16.61 -5.49 -2.55
N ASP A 134 -16.34 -4.51 -3.40
CA ASP A 134 -15.64 -4.76 -4.66
C ASP A 134 -14.30 -5.45 -4.44
N SER A 135 -13.65 -5.15 -3.32
CA SER A 135 -12.34 -5.71 -3.02
C SER A 135 -12.34 -7.18 -2.65
N ILE A 136 -13.53 -7.78 -2.56
CA ILE A 136 -13.67 -9.21 -2.29
C ILE A 136 -14.31 -9.85 -3.53
N ARG A 137 -15.36 -9.21 -4.04
CA ARG A 137 -16.05 -9.72 -5.22
C ARG A 137 -15.16 -9.77 -6.46
N LEU A 138 -14.54 -8.65 -6.82
CA LEU A 138 -13.71 -8.61 -8.01
C LEU A 138 -12.50 -9.54 -8.02
N PRO A 139 -11.73 -9.60 -6.92
CA PRO A 139 -10.59 -10.52 -7.00
C PRO A 139 -11.07 -11.96 -7.25
N LEU A 140 -12.18 -12.31 -6.63
CA LEU A 140 -12.75 -13.65 -6.80
C LEU A 140 -13.28 -13.87 -8.23
N GLU A 141 -13.91 -12.84 -8.81
CA GLU A 141 -14.42 -13.00 -10.17
C GLU A 141 -13.22 -13.18 -11.10
N HIS A 142 -12.16 -12.44 -10.81
CA HIS A 142 -10.93 -12.50 -11.61
C HIS A 142 -10.40 -13.94 -11.63
N LEU A 143 -10.32 -14.57 -10.47
CA LEU A 143 -9.83 -15.94 -10.41
C LEU A 143 -10.71 -16.88 -11.23
N VAL A 144 -12.02 -16.65 -11.20
CA VAL A 144 -12.93 -17.50 -11.96
C VAL A 144 -12.73 -17.31 -13.46
N GLU A 145 -12.60 -16.05 -13.88
CA GLU A 145 -12.40 -15.72 -15.28
C GLU A 145 -11.09 -16.33 -15.79
N ASP A 146 -10.04 -16.26 -14.97
CA ASP A 146 -8.73 -16.78 -15.33
C ASP A 146 -8.64 -18.28 -15.08
N GLN A 147 -9.73 -18.90 -14.66
CA GLN A 147 -9.75 -20.33 -14.41
C GLN A 147 -8.67 -20.74 -13.39
N VAL A 148 -8.46 -19.91 -12.38
CA VAL A 148 -7.47 -20.20 -11.34
C VAL A 148 -8.17 -20.83 -10.14
N ALA A 149 -9.46 -20.55 -10.01
CA ALA A 149 -10.24 -21.10 -8.91
C ALA A 149 -11.70 -21.07 -9.27
N GLU A 150 -12.51 -21.79 -8.50
CA GLU A 150 -13.94 -21.82 -8.70
C GLU A 150 -14.51 -21.11 -7.48
N VAL A 151 -15.59 -20.37 -7.66
CA VAL A 151 -16.17 -19.64 -6.54
C VAL A 151 -17.69 -19.74 -6.50
N THR A 152 -18.23 -19.95 -5.32
CA THR A 152 -19.66 -20.02 -5.17
C THR A 152 -20.08 -18.71 -4.47
N PHE A 153 -20.79 -17.86 -5.21
CA PHE A 153 -21.28 -16.60 -4.68
C PHE A 153 -22.67 -16.89 -4.15
N VAL A 154 -22.73 -17.23 -2.87
CA VAL A 154 -24.00 -17.57 -2.23
C VAL A 154 -24.94 -16.37 -2.11
N PRO A 155 -26.16 -16.51 -2.65
CA PRO A 155 -27.12 -15.40 -2.59
C PRO A 155 -27.61 -15.19 -1.16
N VAL A 156 -27.69 -13.93 -0.75
CA VAL A 156 -28.18 -13.64 0.59
C VAL A 156 -29.69 -13.84 0.53
N SER A 157 -30.33 -13.89 1.69
CA SER A 157 -31.78 -14.06 1.74
C SER A 157 -32.43 -12.77 1.23
N LYS A 158 -33.46 -12.92 0.40
CA LYS A 158 -34.14 -11.74 -0.10
C LYS A 158 -35.21 -11.35 0.92
N VAL A 159 -35.23 -12.05 2.04
CA VAL A 159 -36.18 -11.77 3.11
C VAL A 159 -35.49 -10.92 4.19
N ASN A 160 -34.33 -11.37 4.66
CA ASN A 160 -33.61 -10.65 5.70
C ASN A 160 -32.27 -10.05 5.26
N GLY A 161 -32.01 -10.08 3.96
CA GLY A 161 -30.78 -9.51 3.41
C GLY A 161 -29.48 -10.02 4.02
N GLN A 162 -29.54 -11.21 4.59
CA GLN A 162 -28.40 -11.84 5.25
C GLN A 162 -28.08 -13.16 4.54
N VAL A 163 -26.80 -13.53 4.50
CA VAL A 163 -26.45 -14.81 3.89
C VAL A 163 -26.69 -15.82 5.00
N GLU A 164 -27.37 -16.92 4.67
CA GLU A 164 -27.71 -17.91 5.67
C GLU A 164 -26.66 -19.00 5.90
N VAL A 165 -26.41 -19.30 7.17
CA VAL A 165 -25.44 -20.32 7.54
C VAL A 165 -25.63 -21.62 6.78
N GLU A 166 -26.87 -22.11 6.70
CA GLU A 166 -27.13 -23.37 5.99
C GLU A 166 -26.73 -23.34 4.51
N ASP A 167 -26.91 -22.20 3.87
CA ASP A 167 -26.57 -22.06 2.45
C ASP A 167 -25.06 -22.10 2.23
N ILE A 168 -24.31 -21.51 3.15
CA ILE A 168 -22.86 -21.51 3.06
C ILE A 168 -22.35 -22.95 3.23
N LEU A 169 -22.78 -23.60 4.31
CA LEU A 169 -22.36 -24.98 4.56
C LEU A 169 -22.76 -25.89 3.42
N ALA A 170 -23.92 -25.61 2.85
CA ALA A 170 -24.41 -26.42 1.73
C ALA A 170 -23.53 -26.28 0.50
N ALA A 171 -22.84 -25.16 0.38
CA ALA A 171 -21.97 -24.93 -0.78
C ALA A 171 -20.56 -25.51 -0.63
N VAL A 172 -20.25 -26.03 0.54
CA VAL A 172 -18.93 -26.60 0.79
C VAL A 172 -18.64 -27.80 -0.10
N ARG A 173 -17.45 -27.80 -0.70
CA ARG A 173 -17.01 -28.89 -1.57
C ARG A 173 -15.69 -29.44 -1.04
N PRO A 174 -15.28 -30.61 -1.54
CA PRO A 174 -14.01 -31.20 -1.08
C PRO A 174 -12.83 -30.26 -1.27
N THR A 175 -12.90 -29.42 -2.30
CA THR A 175 -11.82 -28.49 -2.60
C THR A 175 -11.98 -27.08 -2.01
N THR A 176 -13.05 -26.86 -1.24
CA THR A 176 -13.26 -25.55 -0.63
C THR A 176 -12.14 -25.30 0.39
N CYS A 177 -11.46 -24.16 0.27
CA CYS A 177 -10.40 -23.84 1.22
C CYS A 177 -10.65 -22.54 1.98
N LEU A 178 -11.56 -21.70 1.49
CA LEU A 178 -11.85 -20.47 2.19
C LEU A 178 -13.30 -20.00 2.08
N VAL A 179 -13.83 -19.54 3.21
CA VAL A 179 -15.17 -18.98 3.28
C VAL A 179 -14.90 -17.54 3.68
N THR A 180 -15.26 -16.60 2.82
CA THR A 180 -15.07 -15.19 3.14
C THR A 180 -16.43 -14.49 3.10
N ILE A 181 -16.85 -13.97 4.25
CA ILE A 181 -18.13 -13.29 4.38
C ILE A 181 -17.95 -12.00 5.19
N MET A 182 -18.41 -10.88 4.65
CA MET A 182 -18.28 -9.61 5.34
C MET A 182 -19.06 -9.64 6.67
N LEU A 183 -18.49 -9.03 7.71
CA LEU A 183 -19.15 -9.01 9.02
C LEU A 183 -20.40 -8.15 8.94
N ALA A 184 -20.29 -7.02 8.25
CA ALA A 184 -21.41 -6.10 8.10
C ALA A 184 -21.41 -5.53 6.69
N ASN A 185 -22.61 -5.43 6.10
CA ASN A 185 -22.72 -4.89 4.75
C ASN A 185 -22.63 -3.37 4.80
N ASN A 186 -21.86 -2.77 3.90
CA ASN A 186 -21.70 -1.32 3.87
C ASN A 186 -22.91 -0.51 3.40
N GLU A 187 -23.80 -1.10 2.61
CA GLU A 187 -24.96 -0.36 2.13
C GLU A 187 -26.19 -0.51 3.01
N THR A 188 -26.45 -1.71 3.49
CA THR A 188 -27.62 -1.97 4.33
C THR A 188 -27.34 -1.91 5.82
N GLY A 189 -26.14 -2.35 6.22
CA GLY A 189 -25.77 -2.36 7.62
C GLY A 189 -26.03 -3.72 8.25
N VAL A 190 -26.65 -4.63 7.50
CA VAL A 190 -26.97 -5.95 8.02
C VAL A 190 -25.71 -6.69 8.47
N ILE A 191 -25.83 -7.35 9.62
CA ILE A 191 -24.74 -8.11 10.19
C ILE A 191 -24.86 -9.56 9.76
N MET A 192 -23.77 -10.13 9.25
CA MET A 192 -23.77 -11.52 8.82
C MET A 192 -23.41 -12.40 10.02
N PRO A 193 -23.93 -13.63 10.06
CA PRO A 193 -23.69 -14.57 11.17
C PRO A 193 -22.29 -15.19 11.18
N ILE A 194 -21.26 -14.35 11.21
CA ILE A 194 -19.89 -14.84 11.21
C ILE A 194 -19.53 -15.85 12.32
N SER A 195 -19.92 -15.57 13.56
CA SER A 195 -19.57 -16.50 14.63
C SER A 195 -20.21 -17.87 14.44
N GLU A 196 -21.43 -17.92 13.91
CA GLU A 196 -22.11 -19.18 13.69
C GLU A 196 -21.53 -19.91 12.48
N ILE A 197 -21.10 -19.13 11.48
CA ILE A 197 -20.49 -19.70 10.29
C ILE A 197 -19.21 -20.39 10.72
N SER A 198 -18.41 -19.68 11.52
CA SER A 198 -17.15 -20.22 12.03
C SER A 198 -17.38 -21.45 12.88
N ARG A 199 -18.44 -21.45 13.68
CA ARG A 199 -18.72 -22.58 14.53
C ARG A 199 -19.06 -23.82 13.71
N ARG A 200 -19.94 -23.65 12.72
CA ARG A 200 -20.33 -24.76 11.85
C ARG A 200 -19.15 -25.27 11.02
N ILE A 201 -18.28 -24.37 10.58
CA ILE A 201 -17.12 -24.78 9.79
C ILE A 201 -16.12 -25.54 10.65
N LYS A 202 -15.96 -25.11 11.90
CA LYS A 202 -15.04 -25.77 12.82
C LYS A 202 -15.47 -27.22 13.03
N ALA A 203 -16.78 -27.42 13.17
CA ALA A 203 -17.32 -28.75 13.37
C ALA A 203 -17.12 -29.58 12.10
N LEU A 204 -17.34 -28.95 10.94
CA LEU A 204 -17.17 -29.64 9.67
C LEU A 204 -15.71 -30.06 9.45
N ASN A 205 -14.77 -29.19 9.84
CA ASN A 205 -13.36 -29.48 9.67
C ASN A 205 -12.90 -30.73 10.42
N GLN A 206 -13.56 -31.05 11.51
CA GLN A 206 -13.20 -32.25 12.28
C GLN A 206 -13.59 -33.48 11.48
N ILE A 207 -14.68 -33.36 10.73
CA ILE A 207 -15.16 -34.46 9.90
C ILE A 207 -14.26 -34.59 8.67
N ARG A 208 -13.86 -33.45 8.11
CA ARG A 208 -12.97 -33.43 6.96
C ARG A 208 -11.59 -33.99 7.32
N ALA A 209 -11.09 -33.65 8.50
CA ALA A 209 -9.78 -34.15 8.94
C ALA A 209 -9.82 -35.67 9.11
N ALA A 210 -10.95 -36.16 9.61
CA ALA A 210 -11.15 -37.59 9.84
C ALA A 210 -11.03 -38.36 8.53
N SER A 211 -11.50 -37.78 7.43
CA SER A 211 -11.41 -38.43 6.15
C SER A 211 -10.16 -37.99 5.39
N GLY A 212 -9.35 -37.15 6.04
CA GLY A 212 -8.11 -36.70 5.44
C GLY A 212 -8.19 -35.50 4.53
N LEU A 213 -9.37 -34.89 4.41
CA LEU A 213 -9.54 -33.70 3.56
C LEU A 213 -8.89 -32.46 4.16
N PRO A 214 -8.54 -31.48 3.32
CA PRO A 214 -7.92 -30.27 3.87
C PRO A 214 -8.99 -29.41 4.56
N ARG A 215 -8.57 -28.60 5.51
CA ARG A 215 -9.51 -27.76 6.24
C ARG A 215 -9.96 -26.51 5.50
N VAL A 216 -11.14 -26.03 5.86
CA VAL A 216 -11.71 -24.82 5.28
C VAL A 216 -11.43 -23.71 6.29
N LEU A 217 -10.83 -22.62 5.83
CA LEU A 217 -10.54 -21.49 6.71
C LEU A 217 -11.62 -20.44 6.51
N VAL A 218 -11.74 -19.54 7.49
CA VAL A 218 -12.75 -18.50 7.43
C VAL A 218 -12.16 -17.11 7.61
N HIS A 219 -12.58 -16.19 6.75
CA HIS A 219 -12.15 -14.80 6.79
C HIS A 219 -13.38 -13.91 6.75
N THR A 220 -13.29 -12.76 7.40
CA THR A 220 -14.42 -11.82 7.39
C THR A 220 -13.90 -10.41 7.16
N ASP A 221 -14.56 -9.72 6.24
CA ASP A 221 -14.21 -8.34 5.93
C ASP A 221 -14.97 -7.54 7.00
N ALA A 222 -14.26 -7.11 8.04
CA ALA A 222 -14.87 -6.38 9.15
C ALA A 222 -14.72 -4.86 9.01
N ALA A 223 -14.52 -4.40 7.78
CA ALA A 223 -14.33 -2.98 7.53
C ALA A 223 -15.39 -2.07 8.17
N GLN A 224 -16.66 -2.40 7.97
CA GLN A 224 -17.77 -1.58 8.48
C GLN A 224 -18.20 -1.84 9.92
N ALA A 225 -17.56 -2.79 10.60
CA ALA A 225 -17.97 -3.09 11.97
C ALA A 225 -17.07 -2.47 13.03
N LEU A 226 -15.80 -2.27 12.71
CA LEU A 226 -14.87 -1.71 13.69
C LEU A 226 -15.23 -0.29 14.11
N GLY A 227 -15.36 -0.12 15.42
CA GLY A 227 -15.70 1.20 15.95
C GLY A 227 -17.20 1.41 16.10
N LYS A 228 -17.99 0.47 15.57
CA LYS A 228 -19.45 0.57 15.65
C LYS A 228 -20.06 -0.52 16.53
N ARG A 229 -19.35 -1.64 16.67
CA ARG A 229 -19.81 -2.73 17.52
C ARG A 229 -18.60 -3.54 17.93
N ARG A 230 -18.71 -4.27 19.03
CA ARG A 230 -17.60 -5.07 19.51
C ARG A 230 -17.17 -6.11 18.47
N VAL A 231 -15.87 -6.19 18.24
CA VAL A 231 -15.30 -7.15 17.31
C VAL A 231 -14.28 -7.97 18.08
N ASP A 232 -14.58 -9.24 18.29
CA ASP A 232 -13.74 -10.16 19.05
C ASP A 232 -13.45 -11.39 18.19
N VAL A 233 -12.17 -11.62 17.86
CA VAL A 233 -11.80 -12.76 17.03
C VAL A 233 -12.07 -14.12 17.68
N GLU A 234 -12.11 -14.16 19.00
CA GLU A 234 -12.40 -15.40 19.68
C GLU A 234 -13.90 -15.66 19.59
N ASP A 235 -14.68 -14.60 19.65
CA ASP A 235 -16.13 -14.72 19.52
C ASP A 235 -16.47 -15.11 18.09
N LEU A 236 -15.88 -14.39 17.14
CA LEU A 236 -16.11 -14.63 15.71
C LEU A 236 -15.58 -15.98 15.21
N GLY A 237 -14.48 -16.44 15.81
CA GLY A 237 -13.89 -17.72 15.44
C GLY A 237 -13.18 -17.77 14.10
N VAL A 238 -12.96 -16.62 13.48
CA VAL A 238 -12.32 -16.58 12.17
C VAL A 238 -10.81 -16.78 12.17
N ASP A 239 -10.27 -17.12 11.00
CA ASP A 239 -8.83 -17.33 10.84
C ASP A 239 -8.19 -16.07 10.27
N PHE A 240 -8.98 -15.27 9.55
CA PHE A 240 -8.52 -14.01 8.96
C PHE A 240 -9.54 -12.90 9.18
N LEU A 241 -9.07 -11.68 9.31
CA LEU A 241 -9.98 -10.55 9.48
C LEU A 241 -9.35 -9.27 8.93
N THR A 242 -10.10 -8.58 8.08
CA THR A 242 -9.64 -7.34 7.47
C THR A 242 -9.98 -6.12 8.33
N ILE A 243 -8.99 -5.25 8.51
CA ILE A 243 -9.11 -4.03 9.31
C ILE A 243 -8.89 -2.83 8.40
N VAL A 244 -9.83 -1.89 8.41
CA VAL A 244 -9.74 -0.70 7.55
C VAL A 244 -9.74 0.60 8.35
N GLY A 245 -8.59 1.24 8.40
CA GLY A 245 -8.43 2.46 9.17
C GLY A 245 -9.41 3.61 8.97
N HIS A 246 -9.64 4.02 7.72
CA HIS A 246 -10.52 5.16 7.48
C HIS A 246 -12.01 4.96 7.77
N LYS A 247 -12.37 3.79 8.29
CA LYS A 247 -13.76 3.53 8.63
C LYS A 247 -13.96 3.78 10.12
N PHE A 248 -12.88 3.84 10.89
CA PHE A 248 -13.00 4.11 12.31
C PHE A 248 -12.14 5.29 12.77
N TYR A 249 -12.22 6.36 11.97
CA TYR A 249 -11.53 7.61 12.24
C TYR A 249 -10.01 7.54 12.26
N GLY A 250 -9.47 6.59 11.51
CA GLY A 250 -8.03 6.43 11.43
C GLY A 250 -7.51 6.71 10.03
N PRO A 251 -6.18 6.68 9.81
CA PRO A 251 -5.59 6.93 8.51
C PRO A 251 -6.00 5.92 7.43
N ARG A 252 -5.73 6.27 6.18
CA ARG A 252 -6.08 5.45 5.02
C ARG A 252 -5.22 4.19 4.81
N ILE A 253 -4.87 3.49 5.89
CA ILE A 253 -4.12 2.25 5.74
C ILE A 253 -4.92 1.17 6.46
N GLY A 254 -4.41 -0.05 6.46
CA GLY A 254 -5.15 -1.09 7.14
C GLY A 254 -4.28 -2.16 7.73
N ALA A 255 -4.89 -3.31 7.96
CA ALA A 255 -4.18 -4.44 8.52
C ALA A 255 -4.98 -5.70 8.29
N LEU A 256 -4.31 -6.83 8.49
CA LEU A 256 -4.94 -8.12 8.32
C LEU A 256 -4.62 -8.96 9.54
N TYR A 257 -5.66 -9.48 10.18
CA TYR A 257 -5.47 -10.35 11.33
C TYR A 257 -5.33 -11.77 10.78
N VAL A 258 -4.33 -12.49 11.26
CA VAL A 258 -4.10 -13.87 10.84
C VAL A 258 -3.90 -14.66 12.12
N ARG A 259 -4.85 -15.56 12.42
CA ARG A 259 -4.80 -16.37 13.64
C ARG A 259 -3.53 -17.21 13.77
N GLY A 260 -2.72 -16.90 14.77
CA GLY A 260 -1.48 -17.63 14.99
C GLY A 260 -0.72 -17.84 13.70
N VAL A 261 -0.43 -16.75 13.00
CA VAL A 261 0.27 -16.82 11.74
C VAL A 261 1.63 -17.47 11.92
N GLY A 262 1.92 -18.46 11.08
CA GLY A 262 3.19 -19.17 11.17
C GLY A 262 3.09 -20.35 12.11
N LYS A 263 1.94 -20.49 12.77
CA LYS A 263 1.75 -21.58 13.72
C LYS A 263 0.44 -22.34 13.51
N LEU A 264 -0.66 -21.60 13.33
CA LEU A 264 -1.97 -22.20 13.11
C LEU A 264 -2.55 -21.81 11.76
N THR A 265 -2.02 -20.74 11.16
CA THR A 265 -2.51 -20.25 9.88
C THR A 265 -1.40 -19.74 8.97
N PRO A 266 -1.35 -20.24 7.72
CA PRO A 266 -0.30 -19.76 6.84
C PRO A 266 -0.70 -18.46 6.16
N LEU A 267 0.30 -17.73 5.68
CA LEU A 267 0.04 -16.50 4.95
C LEU A 267 1.15 -16.36 3.92
N TYR A 268 0.77 -16.51 2.66
CA TYR A 268 1.70 -16.37 1.54
C TYR A 268 1.60 -14.94 1.04
N PRO A 269 2.73 -14.24 0.98
CA PRO A 269 2.80 -12.85 0.52
C PRO A 269 2.50 -12.59 -0.95
N MET A 270 1.99 -11.39 -1.23
CA MET A 270 1.70 -10.95 -2.59
C MET A 270 2.91 -10.18 -3.05
N LEU A 271 3.56 -9.53 -2.08
CA LEU A 271 4.73 -8.71 -2.34
C LEU A 271 6.01 -9.35 -1.84
N PHE A 272 7.09 -9.09 -2.55
CA PHE A 272 8.40 -9.62 -2.21
C PHE A 272 9.40 -8.49 -2.14
N GLY A 273 10.27 -8.53 -1.14
CA GLY A 273 11.27 -7.49 -1.00
C GLY A 273 12.08 -7.53 0.27
N GLY A 274 12.15 -6.38 0.93
CA GLY A 274 12.94 -6.21 2.14
C GLY A 274 12.71 -6.98 3.43
N GLY A 275 11.74 -7.88 3.47
CA GLY A 275 11.55 -8.64 4.70
C GLY A 275 10.75 -8.00 5.83
N GLN A 276 10.28 -6.76 5.64
CA GLN A 276 9.49 -6.12 6.69
C GLN A 276 8.19 -6.90 6.91
N GLU A 277 7.58 -6.70 8.07
CA GLU A 277 6.36 -7.42 8.44
C GLU A 277 6.60 -8.94 8.34
N ARG A 278 7.78 -9.38 8.76
CA ARG A 278 8.14 -10.80 8.74
C ARG A 278 7.98 -11.42 7.36
N ASN A 279 8.24 -10.61 6.35
CA ASN A 279 8.13 -10.99 4.95
C ASN A 279 6.73 -11.32 4.45
N PHE A 280 5.73 -11.01 5.26
CA PHE A 280 4.36 -11.24 4.85
C PHE A 280 3.94 -10.02 4.04
N ARG A 281 4.58 -8.89 4.33
CA ARG A 281 4.26 -7.64 3.63
C ARG A 281 5.48 -6.73 3.68
N PRO A 282 6.46 -6.95 2.78
CA PRO A 282 7.68 -6.14 2.73
C PRO A 282 7.46 -4.69 2.29
N GLY A 283 8.45 -3.86 2.55
CA GLY A 283 8.40 -2.45 2.21
C GLY A 283 8.62 -1.63 3.46
N THR A 284 9.49 -0.62 3.38
CA THR A 284 9.76 0.21 4.54
C THR A 284 8.42 0.64 5.13
N GLU A 285 8.27 0.41 6.43
CA GLU A 285 7.03 0.72 7.14
C GLU A 285 6.65 2.20 7.15
N ASN A 286 5.37 2.48 6.93
CA ASN A 286 4.89 3.86 6.94
C ASN A 286 4.55 4.18 8.39
N THR A 287 5.58 4.49 9.16
CA THR A 287 5.45 4.79 10.57
C THR A 287 4.34 5.77 10.97
N PRO A 288 4.29 6.96 10.33
CA PRO A 288 3.23 7.92 10.71
C PRO A 288 1.82 7.35 10.52
N MET A 289 1.60 6.64 9.42
CA MET A 289 0.30 6.06 9.17
C MET A 289 -0.01 4.99 10.21
N ILE A 290 1.00 4.19 10.55
CA ILE A 290 0.80 3.14 11.52
C ILE A 290 0.54 3.75 12.90
N ALA A 291 1.21 4.86 13.19
CA ALA A 291 1.01 5.54 14.47
C ALA A 291 -0.45 5.96 14.55
N GLY A 292 -0.95 6.57 13.48
CA GLY A 292 -2.32 7.03 13.46
C GLY A 292 -3.30 5.88 13.62
N LEU A 293 -3.02 4.77 12.93
CA LEU A 293 -3.89 3.60 12.98
C LEU A 293 -3.95 3.03 14.40
N GLY A 294 -2.80 2.97 15.05
CA GLY A 294 -2.75 2.46 16.41
C GLY A 294 -3.59 3.30 17.36
N LYS A 295 -3.49 4.62 17.21
CA LYS A 295 -4.25 5.55 18.06
C LYS A 295 -5.74 5.41 17.80
N ALA A 296 -6.12 5.24 16.53
CA ALA A 296 -7.53 5.09 16.19
C ALA A 296 -8.04 3.81 16.85
N ALA A 297 -7.19 2.79 16.87
CA ALA A 297 -7.56 1.52 17.47
C ALA A 297 -7.76 1.66 18.98
N ASP A 298 -6.87 2.40 19.64
CA ASP A 298 -6.98 2.60 21.08
C ASP A 298 -8.32 3.25 21.43
N LEU A 299 -8.73 4.21 20.62
CA LEU A 299 -9.98 4.91 20.85
C LEU A 299 -11.14 3.92 20.78
N VAL A 300 -11.12 3.04 19.79
CA VAL A 300 -12.19 2.05 19.67
C VAL A 300 -12.17 1.14 20.90
N SER A 301 -10.99 0.68 21.29
CA SER A 301 -10.85 -0.19 22.45
C SER A 301 -11.42 0.47 23.70
N GLU A 302 -11.11 1.75 23.87
CA GLU A 302 -11.54 2.52 25.03
C GLU A 302 -13.00 2.98 25.00
N ASN A 303 -13.51 3.32 23.82
CA ASN A 303 -14.87 3.86 23.73
C ASN A 303 -15.86 3.22 22.79
N CYS A 304 -15.61 2.01 22.31
CA CYS A 304 -16.55 1.40 21.37
C CYS A 304 -18.01 1.38 21.85
N GLU A 305 -18.23 1.03 23.11
CA GLU A 305 -19.58 0.98 23.66
C GLU A 305 -20.27 2.33 23.59
N THR A 306 -19.52 3.39 23.83
CA THR A 306 -20.07 4.74 23.78
C THR A 306 -20.44 5.09 22.33
N TYR A 307 -19.53 4.82 21.40
CA TYR A 307 -19.79 5.11 19.99
C TYR A 307 -21.02 4.36 19.51
N GLU A 308 -21.09 3.08 19.81
CA GLU A 308 -22.21 2.26 19.37
C GLU A 308 -23.56 2.75 19.90
N ALA A 309 -23.65 2.94 21.21
CA ALA A 309 -24.89 3.41 21.83
C ALA A 309 -25.32 4.75 21.27
N HIS A 310 -24.37 5.65 21.06
CA HIS A 310 -24.70 6.96 20.54
C HIS A 310 -25.24 6.88 19.12
N MET A 311 -24.56 6.11 18.28
CA MET A 311 -24.99 5.94 16.90
C MET A 311 -26.39 5.35 16.84
N ARG A 312 -26.65 4.37 17.70
CA ARG A 312 -27.96 3.74 17.70
C ARG A 312 -29.05 4.74 18.07
N ASP A 313 -28.79 5.61 19.06
CA ASP A 313 -29.79 6.61 19.47
C ASP A 313 -30.10 7.54 18.30
N ILE A 314 -29.04 8.12 17.72
CA ILE A 314 -29.20 9.06 16.61
C ILE A 314 -29.89 8.43 15.40
N ARG A 315 -29.46 7.22 15.01
CA ARG A 315 -30.03 6.52 13.88
C ARG A 315 -31.49 6.15 14.10
N ASP A 316 -31.83 5.72 15.32
CA ASP A 316 -33.20 5.34 15.62
C ASP A 316 -34.09 6.58 15.65
N TYR A 317 -33.54 7.70 16.13
CA TYR A 317 -34.27 8.96 16.15
C TYR A 317 -34.50 9.36 14.69
N LEU A 318 -33.46 9.21 13.88
CA LEU A 318 -33.49 9.55 12.46
C LEU A 318 -34.61 8.83 11.74
N GLU A 319 -34.76 7.53 11.97
CA GLU A 319 -35.81 6.77 11.30
C GLU A 319 -37.18 7.22 11.79
N GLU A 320 -37.29 7.51 13.09
CA GLU A 320 -38.55 7.99 13.67
C GLU A 320 -38.99 9.27 12.96
N ARG A 321 -38.08 10.21 12.81
CA ARG A 321 -38.37 11.49 12.17
C ARG A 321 -38.69 11.34 10.70
N LEU A 322 -37.98 10.44 10.02
CA LEU A 322 -38.22 10.23 8.60
C LEU A 322 -39.64 9.71 8.39
N GLU A 323 -40.05 8.75 9.22
CA GLU A 323 -41.39 8.21 9.12
C GLU A 323 -42.44 9.24 9.49
N ALA A 324 -42.09 10.11 10.44
CA ALA A 324 -42.99 11.16 10.89
C ALA A 324 -43.23 12.18 9.79
N GLU A 325 -42.17 12.58 9.10
CA GLU A 325 -42.26 13.57 8.03
C GLU A 325 -42.82 13.04 6.72
N PHE A 326 -42.39 11.85 6.32
CA PHE A 326 -42.84 11.28 5.04
C PHE A 326 -43.93 10.23 5.11
N GLY A 327 -44.26 9.79 6.32
CA GLY A 327 -45.32 8.80 6.49
C GLY A 327 -45.20 7.54 5.66
N LYS A 328 -46.28 7.16 4.99
CA LYS A 328 -46.28 5.95 4.19
C LYS A 328 -45.53 5.99 2.87
N ARG A 329 -44.92 7.14 2.56
CA ARG A 329 -44.15 7.27 1.32
C ARG A 329 -42.75 6.70 1.54
N ILE A 330 -42.32 6.60 2.79
CA ILE A 330 -40.98 6.11 3.06
C ILE A 330 -40.83 4.59 3.22
N HIS A 331 -39.71 4.10 2.71
CA HIS A 331 -39.36 2.67 2.79
C HIS A 331 -38.03 2.63 3.55
N LEU A 332 -37.97 1.89 4.65
CA LEU A 332 -36.72 1.78 5.39
C LEU A 332 -36.07 0.51 4.88
N ASN A 333 -34.93 0.66 4.22
CA ASN A 333 -34.21 -0.46 3.62
C ASN A 333 -33.20 -1.15 4.52
N SER A 334 -33.05 -0.67 5.75
CA SER A 334 -32.11 -1.28 6.70
C SER A 334 -32.86 -1.95 7.85
N ARG A 335 -34.13 -2.26 7.65
CA ARG A 335 -34.94 -2.89 8.71
C ARG A 335 -35.40 -4.31 8.36
N PHE A 336 -34.44 -5.22 8.19
CA PHE A 336 -34.78 -6.60 7.87
C PHE A 336 -35.14 -7.35 9.15
N PRO A 337 -36.11 -8.26 9.06
CA PRO A 337 -36.58 -9.07 10.20
C PRO A 337 -35.65 -10.16 10.70
N GLY A 338 -35.52 -10.24 12.01
CA GLY A 338 -34.71 -11.26 12.66
C GLY A 338 -33.20 -11.16 12.61
N VAL A 339 -32.67 -10.09 12.04
CA VAL A 339 -31.21 -9.95 11.94
C VAL A 339 -30.71 -8.70 12.64
N GLU A 340 -29.42 -8.69 12.98
CA GLU A 340 -28.84 -7.52 13.63
C GLU A 340 -28.35 -6.59 12.54
N ARG A 341 -28.07 -5.34 12.89
CA ARG A 341 -27.58 -4.36 11.93
C ARG A 341 -26.68 -3.34 12.61
N LEU A 342 -25.83 -2.70 11.81
CA LEU A 342 -24.95 -1.67 12.35
C LEU A 342 -25.84 -0.66 13.06
N PRO A 343 -25.31 0.02 14.08
CA PRO A 343 -26.09 1.00 14.83
C PRO A 343 -26.25 2.37 14.16
N ASN A 344 -25.39 2.66 13.18
CA ASN A 344 -25.39 3.97 12.54
C ASN A 344 -26.02 4.06 11.16
N THR A 345 -26.43 2.93 10.60
CA THR A 345 -26.95 2.96 9.24
C THR A 345 -28.46 2.96 9.02
N CYS A 346 -28.90 3.85 8.15
CA CYS A 346 -30.30 3.97 7.78
C CYS A 346 -30.38 4.14 6.27
N ASN A 347 -30.65 3.05 5.56
CA ASN A 347 -30.79 3.12 4.11
C ASN A 347 -32.28 3.27 3.92
N PHE A 348 -32.70 4.24 3.11
CA PHE A 348 -34.12 4.47 2.90
C PHE A 348 -34.44 4.97 1.51
N SER A 349 -35.74 4.93 1.18
CA SER A 349 -36.23 5.41 -0.11
C SER A 349 -37.58 6.10 0.09
N ILE A 350 -37.82 7.14 -0.69
CA ILE A 350 -39.11 7.84 -0.62
C ILE A 350 -39.72 7.55 -2.00
N GLN A 351 -40.93 6.98 -2.03
CA GLN A 351 -41.59 6.65 -3.29
C GLN A 351 -41.83 7.86 -4.20
N GLY A 352 -41.86 7.61 -5.50
CA GLY A 352 -42.07 8.67 -6.48
C GLY A 352 -41.11 8.52 -7.65
N SER A 353 -41.62 8.66 -8.87
CA SER A 353 -40.78 8.52 -10.06
C SER A 353 -39.64 9.52 -10.08
N GLN A 354 -39.84 10.68 -9.46
CA GLN A 354 -38.84 11.75 -9.45
C GLN A 354 -37.88 11.72 -8.27
N LEU A 355 -38.00 10.72 -7.41
CA LEU A 355 -37.14 10.70 -6.24
C LEU A 355 -36.01 9.68 -6.28
N ARG A 356 -35.29 9.67 -7.40
CA ARG A 356 -34.14 8.79 -7.54
C ARG A 356 -33.14 9.30 -6.51
N GLY A 357 -32.47 8.36 -5.83
CA GLY A 357 -31.50 8.74 -4.81
C GLY A 357 -30.59 9.91 -5.12
N TYR A 358 -29.85 9.85 -6.23
CA TYR A 358 -28.93 10.93 -6.57
C TYR A 358 -29.65 12.24 -6.88
N MET A 359 -30.90 12.14 -7.34
CA MET A 359 -31.69 13.34 -7.64
C MET A 359 -32.04 14.04 -6.33
N VAL A 360 -32.49 13.25 -5.35
CA VAL A 360 -32.85 13.79 -4.05
C VAL A 360 -31.63 14.46 -3.44
N LEU A 361 -30.50 13.76 -3.41
CA LEU A 361 -29.29 14.30 -2.83
C LEU A 361 -28.80 15.54 -3.57
N ALA A 362 -29.05 15.61 -4.88
CA ALA A 362 -28.62 16.75 -5.67
C ALA A 362 -29.38 18.02 -5.24
N GLN A 363 -30.60 17.85 -4.70
CA GLN A 363 -31.41 18.97 -4.26
C GLN A 363 -31.10 19.40 -2.83
N CYS A 364 -30.49 18.50 -2.04
CA CYS A 364 -30.17 18.82 -0.66
C CYS A 364 -29.09 19.88 -0.60
N GLN A 365 -29.24 20.81 0.33
CA GLN A 365 -28.28 21.90 0.49
C GLN A 365 -27.48 21.77 1.77
N THR A 366 -27.85 20.79 2.59
CA THR A 366 -27.17 20.59 3.87
C THR A 366 -26.64 19.17 4.05
N LEU A 367 -27.50 18.20 3.75
CA LEU A 367 -27.16 16.79 3.89
C LEU A 367 -26.02 16.34 2.98
N LEU A 368 -25.12 15.55 3.55
CA LEU A 368 -24.00 14.97 2.78
C LEU A 368 -24.10 13.47 3.01
N ALA A 369 -24.59 12.77 2.00
CA ALA A 369 -24.75 11.33 2.08
C ALA A 369 -24.46 10.73 0.71
N SER A 370 -24.87 9.49 0.50
CA SER A 370 -24.61 8.82 -0.78
C SER A 370 -25.72 7.83 -1.08
N VAL A 371 -25.71 7.25 -2.27
CA VAL A 371 -26.75 6.29 -2.63
C VAL A 371 -26.27 4.85 -2.61
N GLY A 372 -25.00 4.67 -2.26
CA GLY A 372 -24.42 3.34 -2.21
C GLY A 372 -22.93 3.50 -2.00
N ALA A 373 -22.17 2.42 -2.17
CA ALA A 373 -20.72 2.47 -1.99
C ALA A 373 -20.14 3.57 -2.88
N SER A 374 -19.24 4.37 -2.30
CA SER A 374 -18.60 5.48 -3.02
C SER A 374 -18.07 4.95 -4.35
N CYS A 375 -17.45 3.79 -4.24
CA CYS A 375 -16.84 3.07 -5.34
C CYS A 375 -17.74 3.04 -6.62
N HIS A 376 -19.05 3.25 -6.47
CA HIS A 376 -19.96 3.22 -7.63
C HIS A 376 -20.66 4.56 -7.90
N SER A 377 -20.05 5.64 -7.44
CA SER A 377 -20.62 6.97 -7.59
C SER A 377 -20.66 7.48 -9.02
N ASP A 378 -19.90 6.85 -9.92
CA ASP A 378 -19.87 7.25 -11.32
C ASP A 378 -21.14 6.81 -12.06
N HIS A 379 -21.96 6.01 -11.39
CA HIS A 379 -23.21 5.53 -11.96
C HIS A 379 -24.28 5.42 -10.89
N GLU A 380 -24.53 6.53 -10.23
CA GLU A 380 -25.53 6.59 -9.16
C GLU A 380 -26.94 6.41 -9.70
N ASP A 381 -27.06 6.43 -11.03
CA ASP A 381 -28.35 6.27 -11.70
C ASP A 381 -28.71 4.80 -11.92
N ARG A 382 -27.81 3.90 -11.54
CA ARG A 382 -28.07 2.46 -11.67
C ARG A 382 -28.47 1.93 -10.30
N PRO A 383 -29.66 1.31 -10.20
CA PRO A 383 -30.14 0.77 -8.92
C PRO A 383 -29.08 -0.13 -8.28
N SER A 384 -28.88 0.02 -6.98
CA SER A 384 -27.87 -0.77 -6.28
C SER A 384 -28.01 -2.28 -6.42
N PRO A 385 -26.95 -2.93 -6.94
CA PRO A 385 -26.95 -4.38 -7.11
C PRO A 385 -27.13 -5.07 -5.74
N VAL A 386 -26.57 -4.45 -4.70
CA VAL A 386 -26.68 -5.01 -3.35
C VAL A 386 -28.11 -4.96 -2.86
N LEU A 387 -28.75 -3.81 -3.01
CA LEU A 387 -30.13 -3.70 -2.56
C LEU A 387 -30.97 -4.71 -3.34
N LEU A 388 -30.77 -4.75 -4.66
CA LEU A 388 -31.52 -5.68 -5.49
C LEU A 388 -31.33 -7.12 -5.00
N SER A 389 -30.08 -7.49 -4.69
CA SER A 389 -29.80 -8.84 -4.20
C SER A 389 -30.49 -9.11 -2.87
N CYS A 390 -30.72 -8.05 -2.10
CA CYS A 390 -31.38 -8.18 -0.81
C CYS A 390 -32.92 -8.17 -0.88
N GLY A 391 -33.48 -8.35 -2.07
CA GLY A 391 -34.92 -8.38 -2.19
C GLY A 391 -35.65 -7.04 -2.30
N ILE A 392 -34.91 -5.95 -2.28
CA ILE A 392 -35.50 -4.62 -2.39
C ILE A 392 -35.97 -4.44 -3.85
N PRO A 393 -37.29 -4.22 -4.05
CA PRO A 393 -37.83 -4.04 -5.41
C PRO A 393 -37.13 -2.90 -6.14
N VAL A 394 -36.99 -3.02 -7.46
CA VAL A 394 -36.31 -1.99 -8.24
C VAL A 394 -36.87 -0.57 -8.06
N ASP A 395 -38.18 -0.44 -7.90
CA ASP A 395 -38.78 0.89 -7.72
C ASP A 395 -38.29 1.53 -6.42
N VAL A 396 -38.05 0.69 -5.41
CA VAL A 396 -37.55 1.18 -4.12
C VAL A 396 -36.04 1.38 -4.19
N ALA A 397 -35.34 0.40 -4.77
CA ALA A 397 -33.89 0.46 -4.90
C ALA A 397 -33.40 1.70 -5.66
N ARG A 398 -34.11 2.06 -6.72
CA ARG A 398 -33.72 3.21 -7.53
C ARG A 398 -33.75 4.51 -6.72
N ASN A 399 -34.60 4.58 -5.71
CA ASN A 399 -34.74 5.76 -4.89
C ASN A 399 -33.97 5.71 -3.55
N ALA A 400 -33.15 4.69 -3.37
CA ALA A 400 -32.40 4.53 -2.13
C ALA A 400 -31.30 5.54 -1.86
N VAL A 401 -31.25 6.00 -0.62
CA VAL A 401 -30.24 6.94 -0.15
C VAL A 401 -29.67 6.27 1.10
N ARG A 402 -28.34 6.28 1.23
CA ARG A 402 -27.73 5.66 2.40
C ARG A 402 -27.25 6.71 3.37
N LEU A 403 -27.88 6.72 4.54
CA LEU A 403 -27.49 7.64 5.60
C LEU A 403 -26.72 6.80 6.62
N SER A 404 -25.54 7.28 7.00
CA SER A 404 -24.72 6.59 7.98
C SER A 404 -24.17 7.67 8.90
N VAL A 405 -24.65 7.66 10.15
CA VAL A 405 -24.24 8.67 11.11
C VAL A 405 -22.95 8.32 11.85
N GLY A 406 -22.43 9.27 12.62
CA GLY A 406 -21.18 9.05 13.32
C GLY A 406 -21.15 9.38 14.80
N ARG A 407 -19.94 9.47 15.33
CA ARG A 407 -19.72 9.74 16.75
C ARG A 407 -20.23 11.11 17.20
N SER A 408 -20.09 12.11 16.33
CA SER A 408 -20.50 13.48 16.64
C SER A 408 -21.89 13.92 16.19
N THR A 409 -22.61 13.06 15.47
CA THR A 409 -23.94 13.40 14.97
C THR A 409 -24.96 13.61 16.09
N THR A 410 -25.71 14.71 16.01
CA THR A 410 -26.72 15.03 17.03
C THR A 410 -28.14 14.93 16.50
N ARG A 411 -29.09 14.94 17.43
CA ARG A 411 -30.51 14.86 17.07
C ARG A 411 -30.90 16.14 16.34
N ALA A 412 -30.24 17.25 16.68
CA ALA A 412 -30.51 18.52 16.03
C ALA A 412 -30.13 18.41 14.56
N GLU A 413 -28.94 17.86 14.29
CA GLU A 413 -28.49 17.69 12.92
C GLU A 413 -29.44 16.77 12.15
N VAL A 414 -30.02 15.79 12.84
CA VAL A 414 -30.98 14.90 12.20
C VAL A 414 -32.18 15.73 11.74
N ASP A 415 -32.71 16.56 12.65
CA ASP A 415 -33.86 17.40 12.31
C ASP A 415 -33.58 18.27 11.09
N LEU A 416 -32.34 18.78 10.99
CA LEU A 416 -31.95 19.63 9.88
C LEU A 416 -32.03 18.90 8.55
N ILE A 417 -31.35 17.76 8.45
CA ILE A 417 -31.36 17.03 7.19
C ILE A 417 -32.74 16.48 6.84
N VAL A 418 -33.59 16.27 7.84
CA VAL A 418 -34.93 15.78 7.55
C VAL A 418 -35.72 16.91 6.88
N GLN A 419 -35.46 18.15 7.28
CA GLN A 419 -36.13 19.30 6.68
C GLN A 419 -35.51 19.56 5.32
N ASP A 420 -34.22 19.27 5.20
CA ASP A 420 -33.50 19.45 3.96
C ASP A 420 -34.07 18.47 2.94
N LEU A 421 -34.41 17.26 3.41
CA LEU A 421 -34.99 16.23 2.55
C LEU A 421 -36.42 16.60 2.13
N LYS A 422 -37.18 17.15 3.07
CA LYS A 422 -38.54 17.58 2.76
C LYS A 422 -38.46 18.62 1.64
N GLN A 423 -37.61 19.61 1.83
CA GLN A 423 -37.40 20.68 0.85
C GLN A 423 -37.00 20.11 -0.51
N ALA A 424 -36.04 19.19 -0.49
CA ALA A 424 -35.56 18.57 -1.73
C ALA A 424 -36.68 17.82 -2.46
N VAL A 425 -37.43 17.03 -1.72
CA VAL A 425 -38.51 16.25 -2.28
C VAL A 425 -39.57 17.13 -2.95
N ASN A 426 -39.91 18.23 -2.31
CA ASN A 426 -40.91 19.13 -2.86
C ASN A 426 -40.45 19.81 -4.14
N GLN A 427 -39.15 20.09 -4.24
CA GLN A 427 -38.61 20.72 -5.44
C GLN A 427 -38.68 19.74 -6.61
N LEU A 428 -38.33 18.48 -6.33
CA LEU A 428 -38.34 17.44 -7.35
C LEU A 428 -39.72 17.11 -7.88
N GLU A 429 -40.74 17.25 -7.05
CA GLU A 429 -42.09 16.95 -7.47
C GLU A 429 -42.94 18.17 -7.82
N GLY A 430 -42.33 19.36 -7.84
CA GLY A 430 -43.06 20.57 -8.18
C GLY A 430 -43.03 20.93 -9.65
N PRO A 431 -43.67 22.05 -10.06
CA PRO A 431 -43.71 22.50 -11.46
C PRO A 431 -42.31 22.56 -12.07
N VAL A 432 -42.19 22.04 -13.29
CA VAL A 432 -40.92 21.97 -14.02
C VAL A 432 -40.10 23.25 -14.18
N ARG B 18 23.39 16.54 18.13
CA ARG B 18 24.67 15.88 18.50
C ARG B 18 25.05 14.88 17.42
N LYS B 19 24.15 13.94 17.13
CA LYS B 19 24.43 12.94 16.10
C LYS B 19 24.54 13.57 14.71
N VAL B 20 25.22 12.87 13.79
CA VAL B 20 25.37 13.34 12.43
C VAL B 20 24.80 12.25 11.54
N TYR B 21 23.70 12.57 10.85
CA TYR B 21 23.05 11.60 9.99
C TYR B 21 23.67 11.58 8.61
N MET B 22 24.11 10.40 8.19
CA MET B 22 24.69 10.19 6.87
C MET B 22 24.16 8.87 6.34
N ASP B 23 22.85 8.68 6.48
CA ASP B 23 22.21 7.46 6.02
C ASP B 23 20.97 7.85 5.21
N TYR B 24 21.09 8.91 4.41
CA TYR B 24 19.96 9.36 3.61
C TYR B 24 19.52 8.37 2.54
N ASN B 25 20.40 7.46 2.14
CA ASN B 25 20.02 6.47 1.14
C ASN B 25 19.11 5.41 1.77
N ALA B 26 19.11 5.33 3.09
CA ALA B 26 18.27 4.37 3.82
C ALA B 26 16.87 4.95 3.94
N THR B 27 16.83 6.25 4.23
CA THR B 27 15.60 7.01 4.33
C THR B 27 15.96 8.45 4.64
N THR B 28 15.03 9.36 4.38
CA THR B 28 15.25 10.78 4.60
C THR B 28 14.17 11.34 5.50
N PRO B 29 14.48 12.43 6.21
CA PRO B 29 13.49 13.05 7.10
C PRO B 29 12.53 13.81 6.18
N LEU B 30 11.34 14.14 6.69
CA LEU B 30 10.38 14.88 5.87
C LEU B 30 10.68 16.38 5.90
N GLU B 31 10.60 17.04 4.75
CA GLU B 31 10.82 18.48 4.69
C GLU B 31 9.65 19.10 5.48
N PRO B 32 9.89 20.22 6.18
CA PRO B 32 8.77 20.80 6.92
C PRO B 32 7.55 21.14 6.06
N GLU B 33 7.77 21.51 4.81
CA GLU B 33 6.65 21.85 3.91
C GLU B 33 5.86 20.60 3.56
N VAL B 34 6.54 19.46 3.53
CA VAL B 34 5.89 18.20 3.24
C VAL B 34 5.01 17.83 4.44
N ILE B 35 5.56 17.98 5.63
CA ILE B 35 4.82 17.68 6.85
C ILE B 35 3.57 18.54 6.88
N GLN B 36 3.74 19.82 6.55
CA GLN B 36 2.64 20.77 6.52
C GLN B 36 1.51 20.33 5.59
N ALA B 37 1.88 19.89 4.39
CA ALA B 37 0.89 19.43 3.40
C ALA B 37 0.12 18.22 3.90
N VAL B 38 0.82 17.26 4.49
CA VAL B 38 0.18 16.07 5.01
C VAL B 38 -0.80 16.45 6.12
N THR B 39 -0.38 17.36 6.97
CA THR B 39 -1.21 17.79 8.08
C THR B 39 -2.48 18.51 7.63
N GLU B 40 -2.35 19.42 6.68
CA GLU B 40 -3.50 20.16 6.19
C GLU B 40 -4.50 19.24 5.49
N ALA B 41 -3.98 18.26 4.76
CA ALA B 41 -4.85 17.32 4.07
C ALA B 41 -5.61 16.45 5.06
N MET B 42 -4.95 16.06 6.14
CA MET B 42 -5.62 15.23 7.16
C MET B 42 -6.83 15.97 7.73
N LYS B 43 -6.66 17.27 7.95
CA LYS B 43 -7.69 18.12 8.54
C LYS B 43 -8.74 18.67 7.56
N GLU B 44 -8.26 19.22 6.44
CA GLU B 44 -9.11 19.86 5.45
C GLU B 44 -9.69 19.03 4.32
N ALA B 45 -8.93 18.03 3.87
CA ALA B 45 -9.38 17.20 2.76
C ALA B 45 -9.49 15.73 3.13
N TRP B 46 -10.32 15.44 4.13
CA TRP B 46 -10.49 14.08 4.60
C TRP B 46 -11.60 13.31 3.88
N GLY B 47 -12.36 14.00 3.05
CA GLY B 47 -13.45 13.35 2.35
C GLY B 47 -13.03 12.27 1.38
N ASN B 48 -13.94 11.34 1.10
CA ASN B 48 -13.63 10.25 0.17
C ASN B 48 -13.51 10.89 -1.22
N PRO B 49 -12.33 10.78 -1.85
CA PRO B 49 -12.14 11.37 -3.18
C PRO B 49 -13.14 10.92 -4.24
N SER B 50 -13.86 9.82 -3.97
CA SER B 50 -14.84 9.31 -4.93
C SER B 50 -16.22 9.95 -4.75
N SER B 51 -16.48 10.48 -3.56
CA SER B 51 -17.75 11.11 -3.24
C SER B 51 -18.07 12.30 -4.12
N SER B 52 -19.32 12.40 -4.54
CA SER B 52 -19.79 13.45 -5.43
C SER B 52 -19.78 14.86 -4.83
N TYR B 53 -20.14 14.97 -3.55
CA TYR B 53 -20.18 16.27 -2.89
C TYR B 53 -18.82 16.97 -2.79
N VAL B 54 -18.87 18.28 -2.51
CA VAL B 54 -17.69 19.12 -2.41
C VAL B 54 -16.49 18.61 -1.59
N ALA B 55 -16.75 18.00 -0.44
CA ALA B 55 -15.66 17.50 0.40
C ALA B 55 -14.82 16.46 -0.33
N GLY B 56 -15.49 15.61 -1.12
CA GLY B 56 -14.77 14.58 -1.86
C GLY B 56 -14.02 15.19 -3.02
N ARG B 57 -14.65 16.17 -3.67
CA ARG B 57 -14.00 16.82 -4.81
C ARG B 57 -12.75 17.57 -4.34
N LYS B 58 -12.77 18.06 -3.10
CA LYS B 58 -11.61 18.78 -2.55
C LYS B 58 -10.40 17.85 -2.40
N ALA B 59 -10.63 16.63 -1.94
CA ALA B 59 -9.51 15.68 -1.78
C ALA B 59 -9.02 15.32 -3.19
N LYS B 60 -9.96 15.08 -4.10
CA LYS B 60 -9.60 14.74 -5.47
C LYS B 60 -8.70 15.80 -6.08
N ASP B 61 -9.00 17.08 -5.85
CA ASP B 61 -8.15 18.13 -6.43
C ASP B 61 -6.73 18.07 -5.90
N ILE B 62 -6.59 17.79 -4.60
CA ILE B 62 -5.26 17.68 -4.01
C ILE B 62 -4.53 16.54 -4.71
N ILE B 63 -5.24 15.44 -4.94
CA ILE B 63 -4.66 14.30 -5.61
C ILE B 63 -4.27 14.65 -7.05
N ASN B 64 -5.15 15.35 -7.75
CA ASN B 64 -4.87 15.76 -9.14
C ASN B 64 -3.62 16.64 -9.17
N THR B 65 -3.54 17.57 -8.24
CA THR B 65 -2.39 18.48 -8.18
C THR B 65 -1.11 17.68 -7.92
N ALA B 66 -1.19 16.68 -7.04
CA ALA B 66 -0.01 15.87 -6.73
C ALA B 66 0.42 15.04 -7.93
N ARG B 67 -0.55 14.51 -8.68
CA ARG B 67 -0.24 13.71 -9.85
C ARG B 67 0.55 14.56 -10.83
N ALA B 68 0.16 15.83 -10.96
CA ALA B 68 0.85 16.74 -11.87
C ALA B 68 2.26 17.03 -11.34
N SER B 69 2.38 17.15 -10.01
CA SER B 69 3.68 17.42 -9.40
C SER B 69 4.66 16.29 -9.71
N LEU B 70 4.23 15.04 -9.53
CA LEU B 70 5.11 13.91 -9.81
C LEU B 70 5.48 13.89 -11.28
N ALA B 71 4.49 14.09 -12.13
CA ALA B 71 4.70 14.10 -13.57
C ALA B 71 5.72 15.16 -13.96
N LYS B 72 5.60 16.34 -13.38
CA LYS B 72 6.55 17.42 -13.67
C LYS B 72 7.95 17.10 -13.15
N MET B 73 8.02 16.37 -12.04
CA MET B 73 9.31 16.02 -11.46
C MET B 73 10.16 15.19 -12.42
N ILE B 74 9.53 14.22 -13.09
CA ILE B 74 10.26 13.36 -14.00
C ILE B 74 10.07 13.68 -15.48
N GLY B 75 9.42 14.79 -15.78
CA GLY B 75 9.21 15.18 -17.16
C GLY B 75 8.22 14.35 -17.95
N GLY B 76 7.24 13.75 -17.26
CA GLY B 76 6.24 12.96 -17.95
C GLY B 76 4.94 13.74 -17.89
N LYS B 77 3.82 13.05 -18.09
CA LYS B 77 2.52 13.71 -18.04
C LYS B 77 1.70 13.14 -16.88
N PRO B 78 0.73 13.92 -16.37
CA PRO B 78 -0.11 13.48 -15.25
C PRO B 78 -0.75 12.11 -15.45
N GLN B 79 -1.26 11.85 -16.65
CA GLN B 79 -1.89 10.57 -16.93
C GLN B 79 -0.93 9.38 -16.84
N ASP B 80 0.38 9.65 -16.79
CA ASP B 80 1.37 8.55 -16.71
C ASP B 80 1.73 8.17 -15.28
N ILE B 81 1.11 8.84 -14.32
CA ILE B 81 1.41 8.58 -12.92
C ILE B 81 0.33 7.78 -12.22
N ILE B 82 0.74 6.72 -11.53
CA ILE B 82 -0.16 5.87 -10.78
C ILE B 82 0.41 5.81 -9.36
N PHE B 83 -0.40 6.20 -8.38
CA PHE B 83 0.04 6.19 -6.98
C PHE B 83 0.02 4.78 -6.41
N THR B 84 1.03 4.47 -5.60
CA THR B 84 1.13 3.16 -4.95
C THR B 84 1.55 3.38 -3.50
N SER B 85 1.58 2.30 -2.73
CA SER B 85 1.95 2.36 -1.33
C SER B 85 3.46 2.55 -1.12
N GLY B 86 4.25 2.44 -2.18
CA GLY B 86 5.68 2.62 -2.04
C GLY B 86 6.50 1.97 -3.15
N GLY B 87 7.82 2.05 -3.02
CA GLY B 87 8.71 1.48 -4.03
C GLY B 87 8.52 -0.01 -4.23
N THR B 88 8.42 -0.75 -3.13
CA THR B 88 8.22 -2.19 -3.20
C THR B 88 6.99 -2.53 -4.03
N GLU B 89 5.87 -1.86 -3.77
CA GLU B 89 4.67 -2.15 -4.55
C GLU B 89 4.90 -1.80 -6.01
N SER B 90 5.46 -0.62 -6.26
CA SER B 90 5.72 -0.18 -7.64
C SER B 90 6.56 -1.20 -8.43
N ASN B 91 7.61 -1.73 -7.82
CA ASN B 91 8.48 -2.71 -8.47
C ASN B 91 7.77 -4.04 -8.71
N ASN B 92 7.04 -4.53 -7.71
CA ASN B 92 6.32 -5.78 -7.84
C ASN B 92 5.24 -5.63 -8.91
N LEU B 93 4.62 -4.46 -8.96
CA LEU B 93 3.56 -4.20 -9.93
C LEU B 93 4.07 -4.32 -11.38
N VAL B 94 5.20 -3.69 -11.68
CA VAL B 94 5.77 -3.76 -13.03
C VAL B 94 6.03 -5.21 -13.43
N ILE B 95 6.62 -5.98 -12.52
CA ILE B 95 6.93 -7.37 -12.78
C ILE B 95 5.66 -8.19 -12.96
N HIS B 96 4.69 -8.01 -12.08
CA HIS B 96 3.43 -8.74 -12.17
C HIS B 96 2.67 -8.43 -13.45
N SER B 97 2.65 -7.15 -13.83
CA SER B 97 1.95 -6.71 -15.01
C SER B 97 2.56 -7.36 -16.25
N THR B 98 3.89 -7.39 -16.27
CA THR B 98 4.62 -7.97 -17.39
C THR B 98 4.25 -9.43 -17.62
N VAL B 99 4.14 -10.19 -16.55
CA VAL B 99 3.78 -11.60 -16.69
C VAL B 99 2.38 -11.72 -17.29
N ARG B 100 1.45 -10.92 -16.79
CA ARG B 100 0.08 -10.95 -17.29
C ARG B 100 0.01 -10.53 -18.75
N CYS B 101 0.74 -9.48 -19.09
CA CYS B 101 0.78 -8.97 -20.46
C CYS B 101 1.21 -10.07 -21.44
N PHE B 102 2.26 -10.80 -21.07
CA PHE B 102 2.78 -11.88 -21.89
C PHE B 102 1.72 -12.96 -22.09
N HIS B 103 1.02 -13.32 -21.01
CA HIS B 103 0.01 -14.34 -21.11
C HIS B 103 -1.17 -13.90 -21.95
N GLU B 104 -1.41 -12.59 -21.99
CA GLU B 104 -2.49 -12.04 -22.80
C GLU B 104 -2.03 -12.04 -24.26
N GLN B 105 -0.77 -11.66 -24.49
CA GLN B 105 -0.25 -11.64 -25.85
C GLN B 105 -0.27 -13.04 -26.46
N GLN B 106 0.01 -14.09 -25.65
CA GLN B 106 0.06 -15.50 -26.07
C GLN B 106 -1.30 -16.13 -26.32
N THR B 122 5.78 -22.21 -22.90
CA THR B 122 6.63 -21.03 -23.08
C THR B 122 6.28 -19.97 -22.03
N ARG B 123 7.32 -19.44 -21.39
CA ARG B 123 7.17 -18.44 -20.32
C ARG B 123 7.84 -17.13 -20.66
N PRO B 124 7.39 -16.03 -20.03
CA PRO B 124 7.99 -14.73 -20.28
C PRO B 124 9.41 -14.69 -19.74
N HIS B 125 10.27 -13.92 -20.41
CA HIS B 125 11.67 -13.80 -20.01
C HIS B 125 11.96 -12.37 -19.54
N PHE B 126 12.71 -12.26 -18.44
CA PHE B 126 13.08 -10.96 -17.89
C PHE B 126 14.57 -10.77 -17.90
N ILE B 127 15.00 -9.53 -18.07
CA ILE B 127 16.41 -9.20 -18.05
C ILE B 127 16.61 -8.12 -16.99
N THR B 128 17.50 -8.39 -16.04
CA THR B 128 17.80 -7.42 -14.99
C THR B 128 19.28 -7.55 -14.68
N CYS B 129 19.75 -6.91 -13.61
CA CYS B 129 21.16 -7.04 -13.28
C CYS B 129 21.30 -7.62 -11.88
N THR B 130 22.53 -7.96 -11.52
CA THR B 130 22.79 -8.60 -10.23
C THR B 130 22.82 -7.71 -8.98
N VAL B 131 22.61 -6.41 -9.11
CA VAL B 131 22.68 -5.57 -7.92
C VAL B 131 21.41 -4.77 -7.62
N GLU B 132 20.27 -5.26 -8.10
CA GLU B 132 18.99 -4.60 -7.88
C GLU B 132 18.60 -4.68 -6.40
N HIS B 133 17.61 -3.87 -6.03
CA HIS B 133 17.10 -3.85 -4.67
C HIS B 133 16.27 -5.13 -4.48
N ASP B 134 16.07 -5.53 -3.23
CA ASP B 134 15.29 -6.73 -2.92
C ASP B 134 13.93 -6.74 -3.60
N SER B 135 13.33 -5.56 -3.77
CA SER B 135 12.00 -5.49 -4.37
C SER B 135 11.96 -5.77 -5.88
N ILE B 136 13.12 -5.97 -6.48
CA ILE B 136 13.22 -6.31 -7.90
C ILE B 136 13.79 -7.74 -7.98
N ARG B 137 14.88 -7.98 -7.27
CA ARG B 137 15.53 -9.28 -7.27
C ARG B 137 14.62 -10.42 -6.80
N LEU B 138 14.06 -10.28 -5.60
CA LEU B 138 13.20 -11.30 -5.02
C LEU B 138 11.94 -11.66 -5.78
N PRO B 139 11.20 -10.67 -6.29
CA PRO B 139 10.00 -11.07 -7.02
C PRO B 139 10.40 -11.87 -8.26
N LEU B 140 11.53 -11.52 -8.86
CA LEU B 140 12.01 -12.23 -10.05
C LEU B 140 12.46 -13.64 -9.69
N GLU B 141 13.24 -13.77 -8.61
CA GLU B 141 13.70 -15.10 -8.20
C GLU B 141 12.49 -15.96 -7.89
N HIS B 142 11.46 -15.36 -7.31
CA HIS B 142 10.24 -16.08 -6.98
C HIS B 142 9.59 -16.65 -8.24
N LEU B 143 9.55 -15.86 -9.30
CA LEU B 143 8.97 -16.30 -10.56
C LEU B 143 9.75 -17.47 -11.11
N VAL B 144 11.08 -17.42 -10.96
CA VAL B 144 11.94 -18.48 -11.44
C VAL B 144 11.70 -19.76 -10.64
N GLU B 145 11.68 -19.65 -9.31
CA GLU B 145 11.45 -20.79 -8.43
C GLU B 145 10.11 -21.44 -8.73
N ASP B 146 9.10 -20.62 -9.04
CA ASP B 146 7.79 -21.15 -9.34
C ASP B 146 7.64 -21.58 -10.80
N GLN B 147 8.71 -21.41 -11.59
CA GLN B 147 8.73 -21.78 -13.01
C GLN B 147 7.67 -21.04 -13.84
N VAL B 148 7.36 -19.82 -13.41
CA VAL B 148 6.39 -18.98 -14.09
C VAL B 148 7.12 -18.18 -15.16
N ALA B 149 8.38 -17.82 -14.87
CA ALA B 149 9.16 -17.06 -15.83
C ALA B 149 10.64 -17.45 -15.78
N GLU B 150 11.37 -16.99 -16.78
CA GLU B 150 12.80 -17.23 -16.88
C GLU B 150 13.44 -15.86 -16.70
N VAL B 151 14.52 -15.80 -15.95
CA VAL B 151 15.17 -14.52 -15.72
C VAL B 151 16.66 -14.57 -15.89
N THR B 152 17.18 -13.57 -16.60
CA THR B 152 18.61 -13.48 -16.80
C THR B 152 19.10 -12.35 -15.92
N PHE B 153 19.76 -12.71 -14.82
CA PHE B 153 20.31 -11.72 -13.91
C PHE B 153 21.71 -11.37 -14.42
N VAL B 154 21.77 -10.39 -15.31
CA VAL B 154 23.03 -9.95 -15.89
C VAL B 154 24.02 -9.44 -14.85
N PRO B 155 25.18 -10.11 -14.73
CA PRO B 155 26.18 -9.66 -13.76
C PRO B 155 26.72 -8.30 -14.18
N VAL B 156 26.96 -7.42 -13.22
CA VAL B 156 27.50 -6.12 -13.53
C VAL B 156 28.99 -6.29 -13.74
N SER B 157 29.62 -5.35 -14.43
CA SER B 157 31.05 -5.41 -14.67
C SER B 157 31.78 -5.28 -13.34
N LYS B 158 32.71 -6.20 -13.09
CA LYS B 158 33.47 -6.17 -11.86
C LYS B 158 34.57 -5.12 -12.00
N VAL B 159 34.54 -4.39 -13.12
CA VAL B 159 35.52 -3.34 -13.37
C VAL B 159 34.97 -1.98 -12.97
N ASN B 160 33.77 -1.64 -13.47
CA ASN B 160 33.15 -0.35 -13.16
C ASN B 160 31.87 -0.46 -12.33
N GLY B 161 31.57 -1.67 -11.83
CA GLY B 161 30.37 -1.87 -11.03
C GLY B 161 29.09 -1.47 -11.74
N GLN B 162 29.16 -1.41 -13.07
CA GLN B 162 28.01 -1.02 -13.87
C GLN B 162 27.58 -2.16 -14.78
N VAL B 163 26.28 -2.27 -15.02
CA VAL B 163 25.81 -3.29 -15.94
C VAL B 163 26.20 -2.73 -17.31
N GLU B 164 26.62 -3.61 -18.22
CA GLU B 164 27.04 -3.17 -19.54
C GLU B 164 25.93 -3.37 -20.56
N VAL B 165 25.69 -2.35 -21.38
CA VAL B 165 24.65 -2.39 -22.39
C VAL B 165 24.69 -3.62 -23.29
N GLU B 166 25.87 -3.97 -23.79
CA GLU B 166 26.01 -5.13 -24.68
C GLU B 166 25.56 -6.44 -24.02
N ASP B 167 25.84 -6.59 -22.72
CA ASP B 167 25.43 -7.80 -22.01
C ASP B 167 23.91 -7.90 -21.95
N ILE B 168 23.24 -6.75 -21.85
CA ILE B 168 21.78 -6.72 -21.78
C ILE B 168 21.14 -7.06 -23.12
N LEU B 169 21.66 -6.46 -24.18
CA LEU B 169 21.12 -6.68 -25.51
C LEU B 169 21.35 -8.12 -25.97
N ALA B 170 22.48 -8.68 -25.56
CA ALA B 170 22.82 -10.06 -25.92
C ALA B 170 21.89 -11.06 -25.24
N ALA B 171 21.28 -10.65 -24.13
CA ALA B 171 20.39 -11.53 -23.39
C ALA B 171 18.96 -11.64 -23.92
N VAL B 172 18.57 -10.71 -24.80
CA VAL B 172 17.22 -10.71 -25.35
C VAL B 172 16.89 -11.95 -26.18
N ARG B 173 15.78 -12.60 -25.83
CA ARG B 173 15.28 -13.78 -26.54
C ARG B 173 13.92 -13.42 -27.15
N PRO B 174 13.35 -14.32 -27.97
CA PRO B 174 12.06 -14.01 -28.57
C PRO B 174 11.01 -13.80 -27.48
N THR B 175 11.19 -14.47 -26.34
CA THR B 175 10.25 -14.36 -25.23
C THR B 175 10.56 -13.24 -24.22
N THR B 176 11.58 -12.45 -24.49
CA THR B 176 11.93 -11.35 -23.58
C THR B 176 10.80 -10.32 -23.59
N CYS B 177 10.34 -9.96 -22.40
CA CYS B 177 9.23 -9.02 -22.23
C CYS B 177 9.63 -7.70 -21.60
N LEU B 178 10.57 -7.75 -20.67
CA LEU B 178 10.98 -6.57 -19.95
C LEU B 178 12.41 -6.55 -19.49
N VAL B 179 13.03 -5.38 -19.60
CA VAL B 179 14.38 -5.17 -19.13
C VAL B 179 14.19 -4.22 -17.94
N THR B 180 14.58 -4.66 -16.75
CA THR B 180 14.47 -3.81 -15.58
C THR B 180 15.85 -3.60 -14.97
N ILE B 181 16.31 -2.36 -15.00
CA ILE B 181 17.62 -2.01 -14.47
C ILE B 181 17.48 -0.75 -13.62
N MET B 182 18.07 -0.78 -12.44
CA MET B 182 17.99 0.36 -11.54
C MET B 182 18.80 1.52 -12.12
N LEU B 183 18.27 2.73 -11.98
CA LEU B 183 18.96 3.90 -12.49
C LEU B 183 20.24 4.17 -11.70
N ALA B 184 20.17 4.00 -10.39
CA ALA B 184 21.32 4.19 -9.50
C ALA B 184 21.32 3.12 -8.42
N ASN B 185 22.50 2.62 -8.07
CA ASN B 185 22.57 1.60 -7.03
C ASN B 185 22.57 2.24 -5.65
N ASN B 186 21.75 1.69 -4.76
CA ASN B 186 21.60 2.23 -3.41
C ASN B 186 22.81 2.07 -2.49
N GLU B 187 23.68 1.11 -2.80
CA GLU B 187 24.85 0.87 -1.98
C GLU B 187 26.13 1.55 -2.49
N THR B 188 26.35 1.52 -3.80
CA THR B 188 27.53 2.13 -4.38
C THR B 188 27.28 3.53 -4.91
N GLY B 189 26.07 3.77 -5.38
CA GLY B 189 25.74 5.07 -5.94
C GLY B 189 25.95 5.10 -7.44
N VAL B 190 26.51 4.02 -8.00
CA VAL B 190 26.77 3.96 -9.45
C VAL B 190 25.51 4.14 -10.31
N ILE B 191 25.63 4.98 -11.34
CA ILE B 191 24.52 5.22 -12.27
C ILE B 191 24.61 4.21 -13.41
N MET B 192 23.49 3.61 -13.78
CA MET B 192 23.49 2.65 -14.87
C MET B 192 23.13 3.41 -16.15
N PRO B 193 23.60 2.94 -17.32
CA PRO B 193 23.33 3.57 -18.62
C PRO B 193 21.92 3.34 -19.15
N ILE B 194 20.92 3.75 -18.38
CA ILE B 194 19.53 3.58 -18.74
C ILE B 194 19.15 4.13 -20.12
N SER B 195 19.53 5.37 -20.40
CA SER B 195 19.19 5.99 -21.67
C SER B 195 19.71 5.19 -22.86
N GLU B 196 20.93 4.65 -22.76
CA GLU B 196 21.50 3.87 -23.84
C GLU B 196 20.78 2.54 -23.99
N ILE B 197 20.40 1.96 -22.87
CA ILE B 197 19.69 0.68 -22.87
C ILE B 197 18.35 0.82 -23.60
N SER B 198 17.60 1.86 -23.25
CA SER B 198 16.31 2.11 -23.89
C SER B 198 16.49 2.34 -25.39
N ARG B 199 17.52 3.08 -25.76
CA ARG B 199 17.80 3.39 -27.15
C ARG B 199 18.13 2.12 -27.95
N ARG B 200 18.99 1.28 -27.39
CA ARG B 200 19.38 0.04 -28.04
C ARG B 200 18.18 -0.90 -28.10
N ILE B 201 17.38 -0.90 -27.03
CA ILE B 201 16.21 -1.76 -27.02
C ILE B 201 15.20 -1.27 -28.06
N LYS B 202 15.06 0.05 -28.21
CA LYS B 202 14.12 0.60 -29.20
C LYS B 202 14.56 0.12 -30.58
N ALA B 203 15.85 0.21 -30.85
CA ALA B 203 16.40 -0.20 -32.13
C ALA B 203 16.06 -1.65 -32.41
N LEU B 204 16.34 -2.53 -31.44
CA LEU B 204 16.05 -3.95 -31.59
C LEU B 204 14.56 -4.20 -31.73
N ASN B 205 13.74 -3.38 -31.09
CA ASN B 205 12.30 -3.55 -31.19
C ASN B 205 11.78 -3.31 -32.61
N GLN B 206 12.43 -2.42 -33.36
CA GLN B 206 11.96 -2.15 -34.71
C GLN B 206 12.05 -3.40 -35.57
N ILE B 207 13.08 -4.21 -35.31
CA ILE B 207 13.29 -5.45 -36.05
C ILE B 207 12.28 -6.50 -35.61
N ARG B 208 12.08 -6.63 -34.30
CA ARG B 208 11.13 -7.59 -33.76
C ARG B 208 9.72 -7.36 -34.34
N ALA B 209 9.29 -6.11 -34.34
CA ALA B 209 7.97 -5.76 -34.85
C ALA B 209 7.77 -6.24 -36.29
N ALA B 210 8.74 -5.91 -37.14
CA ALA B 210 8.67 -6.30 -38.55
C ALA B 210 8.66 -7.82 -38.64
N SER B 211 9.19 -8.47 -37.61
CA SER B 211 9.28 -9.93 -37.54
C SER B 211 8.07 -10.52 -36.82
N GLY B 212 7.13 -9.68 -36.43
CA GLY B 212 5.95 -10.16 -35.73
C GLY B 212 6.15 -10.46 -34.25
N LEU B 213 7.22 -9.91 -33.67
CA LEU B 213 7.49 -10.12 -32.24
C LEU B 213 7.08 -8.89 -31.42
N PRO B 214 6.48 -9.11 -30.23
CA PRO B 214 6.09 -7.96 -29.42
C PRO B 214 7.33 -7.20 -28.95
N ARG B 215 7.13 -5.94 -28.59
CA ARG B 215 8.23 -5.09 -28.13
C ARG B 215 8.73 -5.45 -26.73
N VAL B 216 10.01 -5.23 -26.48
CA VAL B 216 10.59 -5.47 -25.17
C VAL B 216 10.48 -4.14 -24.44
N LEU B 217 9.77 -4.12 -23.33
CA LEU B 217 9.62 -2.88 -22.59
C LEU B 217 10.78 -2.68 -21.61
N VAL B 218 10.97 -1.44 -21.15
CA VAL B 218 12.06 -1.13 -20.23
C VAL B 218 11.55 -0.38 -19.00
N HIS B 219 11.97 -0.86 -17.83
CA HIS B 219 11.60 -0.26 -16.55
C HIS B 219 12.86 0.09 -15.79
N THR B 220 12.83 1.18 -15.05
CA THR B 220 13.98 1.53 -14.24
C THR B 220 13.53 1.91 -12.83
N ASP B 221 14.21 1.34 -11.85
CA ASP B 221 13.93 1.61 -10.45
C ASP B 221 14.77 2.86 -10.16
N ALA B 222 14.12 4.02 -10.12
CA ALA B 222 14.79 5.30 -9.90
C ALA B 222 14.77 5.79 -8.45
N ALA B 223 14.44 4.88 -7.54
CA ALA B 223 14.35 5.22 -6.13
C ALA B 223 15.47 6.13 -5.60
N GLN B 224 16.72 5.77 -5.87
CA GLN B 224 17.86 6.53 -5.36
C GLN B 224 18.30 7.74 -6.18
N ALA B 225 17.71 7.94 -7.35
CA ALA B 225 18.10 9.05 -8.20
C ALA B 225 17.29 10.32 -7.95
N LEU B 226 15.99 10.16 -7.72
CA LEU B 226 15.11 11.30 -7.49
C LEU B 226 15.59 12.22 -6.38
N GLY B 227 15.68 13.52 -6.71
CA GLY B 227 16.12 14.50 -5.74
C GLY B 227 17.63 14.59 -5.65
N LYS B 228 18.34 13.71 -6.35
CA LYS B 228 19.79 13.73 -6.31
C LYS B 228 20.37 14.08 -7.67
N ARG B 229 19.65 13.73 -8.72
CA ARG B 229 20.06 14.02 -10.09
C ARG B 229 18.80 14.21 -10.94
N ARG B 230 18.90 14.99 -12.00
CA ARG B 230 17.74 15.21 -12.87
C ARG B 230 17.25 13.87 -13.41
N VAL B 231 15.94 13.65 -13.34
CA VAL B 231 15.35 12.43 -13.87
C VAL B 231 14.26 12.85 -14.85
N ASP B 232 14.49 12.56 -16.13
CA ASP B 232 13.57 12.92 -17.19
C ASP B 232 13.25 11.68 -18.02
N VAL B 233 12.00 11.24 -18.01
CA VAL B 233 11.61 10.05 -18.75
C VAL B 233 11.86 10.10 -20.25
N GLU B 234 11.84 11.27 -20.86
CA GLU B 234 12.10 11.32 -22.31
C GLU B 234 13.58 11.06 -22.55
N ASP B 235 14.42 11.56 -21.66
CA ASP B 235 15.86 11.34 -21.77
C ASP B 235 16.17 9.85 -21.54
N LEU B 236 15.54 9.28 -20.51
CA LEU B 236 15.75 7.88 -20.16
C LEU B 236 15.15 6.90 -21.15
N GLY B 237 14.07 7.30 -21.81
CA GLY B 237 13.43 6.45 -22.80
C GLY B 237 12.72 5.22 -22.27
N VAL B 238 12.53 5.17 -20.96
CA VAL B 238 11.87 4.02 -20.34
C VAL B 238 10.35 4.03 -20.48
N ASP B 239 9.75 2.86 -20.32
CA ASP B 239 8.31 2.71 -20.40
C ASP B 239 7.71 2.68 -19.01
N PHE B 240 8.52 2.31 -18.02
CA PHE B 240 8.09 2.23 -16.62
C PHE B 240 9.20 2.84 -15.76
N LEU B 241 8.82 3.46 -14.64
CA LEU B 241 9.79 4.06 -13.72
C LEU B 241 9.20 4.09 -12.32
N THR B 242 9.98 3.61 -11.35
CA THR B 242 9.54 3.56 -9.96
C THR B 242 9.95 4.80 -9.16
N ILE B 243 8.97 5.39 -8.48
CA ILE B 243 9.18 6.58 -7.66
C ILE B 243 8.97 6.22 -6.19
N VAL B 244 9.95 6.60 -5.36
CA VAL B 244 9.90 6.29 -3.93
C VAL B 244 9.98 7.53 -3.05
N GLY B 245 8.85 7.91 -2.48
CA GLY B 245 8.78 9.10 -1.66
C GLY B 245 9.76 9.29 -0.51
N HIS B 246 10.02 8.24 0.27
CA HIS B 246 10.92 8.45 1.41
C HIS B 246 12.40 8.55 1.07
N LYS B 247 12.70 8.61 -0.23
CA LYS B 247 14.08 8.77 -0.68
C LYS B 247 14.31 10.26 -0.98
N PHE B 248 13.24 11.01 -1.24
CA PHE B 248 13.41 12.44 -1.50
C PHE B 248 12.61 13.32 -0.55
N TYR B 249 12.77 13.02 0.74
CA TYR B 249 12.13 13.77 1.82
C TYR B 249 10.61 13.80 1.79
N GLY B 250 10.02 12.78 1.16
CA GLY B 250 8.58 12.69 1.07
C GLY B 250 8.06 11.55 1.94
N PRO B 251 6.74 11.36 2.01
CA PRO B 251 6.11 10.29 2.80
C PRO B 251 6.44 8.90 2.31
N ARG B 252 6.19 7.92 3.16
CA ARG B 252 6.46 6.52 2.85
C ARG B 252 5.53 5.86 1.84
N ILE B 253 5.19 6.59 0.78
CA ILE B 253 4.37 6.02 -0.28
C ILE B 253 5.14 6.24 -1.59
N GLY B 254 4.55 5.87 -2.71
CA GLY B 254 5.26 6.06 -3.96
C GLY B 254 4.34 6.09 -5.17
N ALA B 255 4.91 5.83 -6.33
CA ALA B 255 4.14 5.80 -7.54
C ALA B 255 4.89 5.03 -8.60
N LEU B 256 4.22 4.82 -9.73
CA LEU B 256 4.82 4.13 -10.85
C LEU B 256 4.50 4.91 -12.12
N TYR B 257 5.55 5.31 -12.84
CA TYR B 257 5.37 6.03 -14.08
C TYR B 257 5.15 4.97 -15.16
N VAL B 258 4.16 5.18 -16.02
CA VAL B 258 3.90 4.24 -17.11
C VAL B 258 3.56 5.06 -18.35
N ARG B 259 4.51 5.11 -19.28
CA ARG B 259 4.35 5.88 -20.52
C ARG B 259 3.01 5.62 -21.21
N GLY B 260 2.15 6.64 -21.22
CA GLY B 260 0.85 6.51 -21.86
C GLY B 260 0.16 5.22 -21.47
N VAL B 261 0.00 5.02 -20.17
CA VAL B 261 -0.62 3.81 -19.64
C VAL B 261 -1.98 3.50 -20.28
N GLY B 262 -2.15 2.25 -20.70
CA GLY B 262 -3.40 1.84 -21.33
C GLY B 262 -3.46 2.14 -22.81
N LYS B 263 -2.58 3.02 -23.28
CA LYS B 263 -2.52 3.38 -24.69
C LYS B 263 -1.20 2.96 -25.34
N LEU B 264 -0.09 3.53 -24.88
CA LEU B 264 1.23 3.20 -25.42
C LEU B 264 1.87 2.05 -24.66
N THR B 265 1.55 1.95 -23.37
CA THR B 265 2.13 0.91 -22.54
C THR B 265 1.04 0.17 -21.76
N PRO B 266 1.06 -1.17 -21.77
CA PRO B 266 0.05 -1.94 -21.04
C PRO B 266 0.37 -2.06 -19.56
N LEU B 267 -0.68 -2.08 -18.74
CA LEU B 267 -0.52 -2.24 -17.30
C LEU B 267 -1.67 -3.07 -16.76
N TYR B 268 -1.34 -4.27 -16.27
CA TYR B 268 -2.33 -5.17 -15.70
C TYR B 268 -2.14 -5.13 -14.19
N PRO B 269 -3.19 -4.77 -13.44
CA PRO B 269 -3.18 -4.65 -11.98
C PRO B 269 -2.96 -5.92 -11.15
N MET B 270 -2.44 -5.71 -9.94
CA MET B 270 -2.22 -6.78 -8.96
C MET B 270 -3.43 -6.81 -8.04
N LEU B 271 -3.97 -5.62 -7.76
CA LEU B 271 -5.12 -5.49 -6.89
C LEU B 271 -6.42 -5.24 -7.64
N PHE B 272 -7.50 -5.77 -7.09
CA PHE B 272 -8.81 -5.61 -7.68
C PHE B 272 -9.75 -5.02 -6.64
N GLY B 273 -10.54 -4.05 -7.05
CA GLY B 273 -11.47 -3.42 -6.13
C GLY B 273 -12.28 -2.29 -6.71
N GLY B 274 -12.43 -1.24 -5.91
CA GLY B 274 -13.23 -0.08 -6.27
C GLY B 274 -12.94 0.83 -7.45
N GLY B 275 -11.99 0.49 -8.30
CA GLY B 275 -11.74 1.36 -9.46
C GLY B 275 -10.87 2.59 -9.32
N GLN B 276 -10.29 2.84 -8.15
CA GLN B 276 -9.43 4.01 -8.01
C GLN B 276 -8.19 3.84 -8.89
N GLU B 277 -7.51 4.95 -9.18
CA GLU B 277 -6.35 4.95 -10.04
C GLU B 277 -6.69 4.26 -11.36
N ARG B 278 -7.86 4.60 -11.90
CA ARG B 278 -8.31 4.05 -13.18
C ARG B 278 -8.31 2.54 -13.19
N ASN B 279 -8.52 1.94 -12.03
CA ASN B 279 -8.55 0.51 -11.88
C ASN B 279 -7.19 -0.16 -11.93
N PHE B 280 -6.14 0.63 -12.13
CA PHE B 280 -4.78 0.09 -12.17
C PHE B 280 -4.31 -0.19 -10.74
N ARG B 281 -4.83 0.58 -9.79
CA ARG B 281 -4.47 0.40 -8.38
C ARG B 281 -5.64 0.84 -7.51
N PRO B 282 -6.65 -0.04 -7.36
CA PRO B 282 -7.84 0.26 -6.56
C PRO B 282 -7.56 0.47 -5.07
N GLY B 283 -8.54 1.07 -4.40
CA GLY B 283 -8.41 1.35 -2.97
C GLY B 283 -8.57 2.83 -2.72
N THR B 284 -9.33 3.18 -1.67
CA THR B 284 -9.54 4.58 -1.33
C THR B 284 -8.19 5.27 -1.25
N GLU B 285 -8.06 6.38 -1.97
CA GLU B 285 -6.79 7.11 -2.01
C GLU B 285 -6.38 7.67 -0.65
N ASN B 286 -5.08 7.64 -0.40
CA ASN B 286 -4.52 8.14 0.86
C ASN B 286 -4.14 9.60 0.61
N THR B 287 -5.15 10.44 0.55
CA THR B 287 -4.97 11.86 0.27
C THR B 287 -3.83 12.55 1.01
N PRO B 288 -3.75 12.39 2.33
CA PRO B 288 -2.67 13.03 3.10
C PRO B 288 -1.28 12.64 2.60
N MET B 289 -1.10 11.34 2.37
CA MET B 289 0.19 10.84 1.89
C MET B 289 0.46 11.36 0.49
N ILE B 290 -0.56 11.35 -0.35
CA ILE B 290 -0.42 11.85 -1.71
C ILE B 290 -0.03 13.33 -1.67
N ALA B 291 -0.70 14.09 -0.82
CA ALA B 291 -0.38 15.51 -0.72
C ALA B 291 1.09 15.68 -0.37
N GLY B 292 1.57 14.90 0.59
CA GLY B 292 2.96 14.98 0.99
C GLY B 292 3.91 14.66 -0.15
N LEU B 293 3.61 13.60 -0.88
CA LEU B 293 4.44 13.17 -2.01
C LEU B 293 4.47 14.28 -3.06
N GLY B 294 3.31 14.88 -3.32
CA GLY B 294 3.24 15.93 -4.31
C GLY B 294 4.12 17.11 -3.96
N LYS B 295 4.06 17.53 -2.70
CA LYS B 295 4.87 18.65 -2.24
C LYS B 295 6.34 18.27 -2.32
N ALA B 296 6.65 17.04 -1.94
CA ALA B 296 8.03 16.57 -1.98
C ALA B 296 8.54 16.68 -3.43
N ALA B 297 7.70 16.26 -4.38
CA ALA B 297 8.06 16.30 -5.79
C ALA B 297 8.28 17.74 -6.27
N ASP B 298 7.46 18.66 -5.78
CA ASP B 298 7.58 20.06 -6.18
C ASP B 298 8.94 20.60 -5.81
N LEU B 299 9.40 20.29 -4.60
CA LEU B 299 10.69 20.75 -4.14
C LEU B 299 11.81 20.22 -5.02
N VAL B 300 11.67 18.99 -5.50
CA VAL B 300 12.69 18.41 -6.36
C VAL B 300 12.70 19.17 -7.69
N SER B 301 11.52 19.37 -8.27
CA SER B 301 11.41 20.08 -9.53
C SER B 301 12.06 21.45 -9.43
N GLU B 302 11.78 22.14 -8.33
CA GLU B 302 12.29 23.49 -8.11
C GLU B 302 13.74 23.60 -7.68
N ASN B 303 14.24 22.60 -6.96
CA ASN B 303 15.59 22.67 -6.42
C ASN B 303 16.56 21.51 -6.66
N CYS B 304 16.20 20.52 -7.48
CA CYS B 304 17.08 19.37 -7.69
C CYS B 304 18.55 19.72 -7.92
N GLU B 305 18.80 20.70 -8.77
CA GLU B 305 20.18 21.09 -9.06
C GLU B 305 20.89 21.61 -7.82
N THR B 306 20.17 22.33 -6.98
CA THR B 306 20.75 22.86 -5.75
C THR B 306 21.11 21.69 -4.83
N TYR B 307 20.17 20.77 -4.63
CA TYR B 307 20.43 19.62 -3.77
C TYR B 307 21.64 18.85 -4.29
N GLU B 308 21.63 18.52 -5.57
CA GLU B 308 22.71 17.79 -6.20
C GLU B 308 24.08 18.43 -5.97
N ALA B 309 24.16 19.74 -6.20
CA ALA B 309 25.43 20.45 -6.03
C ALA B 309 25.91 20.41 -4.58
N HIS B 310 25.00 20.67 -3.63
CA HIS B 310 25.39 20.66 -2.22
C HIS B 310 25.85 19.26 -1.81
N MET B 311 25.10 18.24 -2.21
CA MET B 311 25.48 16.87 -1.88
C MET B 311 26.88 16.57 -2.42
N ARG B 312 27.10 16.88 -3.70
CA ARG B 312 28.39 16.62 -4.33
C ARG B 312 29.54 17.34 -3.61
N ASP B 313 29.31 18.60 -3.24
CA ASP B 313 30.33 19.37 -2.54
C ASP B 313 30.66 18.71 -1.21
N ILE B 314 29.63 18.29 -0.48
CA ILE B 314 29.84 17.65 0.81
C ILE B 314 30.46 16.26 0.70
N ARG B 315 30.00 15.47 -0.26
CA ARG B 315 30.54 14.12 -0.44
C ARG B 315 32.01 14.19 -0.88
N ASP B 316 32.32 15.11 -1.78
CA ASP B 316 33.70 15.24 -2.25
C ASP B 316 34.63 15.69 -1.13
N TYR B 317 34.14 16.58 -0.28
CA TYR B 317 34.92 17.05 0.85
C TYR B 317 35.13 15.88 1.81
N LEU B 318 34.08 15.08 1.97
CA LEU B 318 34.12 13.90 2.83
C LEU B 318 35.21 12.93 2.36
N GLU B 319 35.22 12.61 1.07
CA GLU B 319 36.24 11.70 0.57
C GLU B 319 37.63 12.30 0.71
N GLU B 320 37.72 13.62 0.57
CA GLU B 320 39.00 14.30 0.70
C GLU B 320 39.53 14.18 2.13
N ARG B 321 38.64 14.34 3.10
CA ARG B 321 39.03 14.25 4.49
C ARG B 321 39.36 12.82 4.91
N LEU B 322 38.61 11.85 4.42
CA LEU B 322 38.86 10.45 4.75
C LEU B 322 40.24 10.04 4.21
N GLU B 323 40.57 10.52 3.02
CA GLU B 323 41.87 10.19 2.44
C GLU B 323 42.99 10.85 3.22
N ALA B 324 42.79 12.10 3.61
CA ALA B 324 43.79 12.82 4.39
C ALA B 324 44.04 12.12 5.73
N GLU B 325 42.96 11.70 6.39
CA GLU B 325 43.05 11.04 7.69
C GLU B 325 43.58 9.60 7.64
N PHE B 326 43.06 8.80 6.72
CA PHE B 326 43.45 7.40 6.66
C PHE B 326 44.49 7.00 5.61
N GLY B 327 44.71 7.86 4.63
CA GLY B 327 45.69 7.57 3.60
C GLY B 327 45.56 6.22 2.91
N LYS B 328 46.68 5.51 2.82
CA LYS B 328 46.70 4.21 2.13
C LYS B 328 45.84 3.10 2.72
N ARG B 329 45.29 3.31 3.91
CA ARG B 329 44.47 2.28 4.55
C ARG B 329 43.02 2.29 4.12
N ILE B 330 42.61 3.36 3.45
CA ILE B 330 41.22 3.46 3.02
C ILE B 330 41.00 3.16 1.55
N HIS B 331 39.84 2.60 1.25
CA HIS B 331 39.47 2.28 -0.11
C HIS B 331 38.08 2.87 -0.36
N LEU B 332 37.97 3.68 -1.41
CA LEU B 332 36.71 4.31 -1.75
C LEU B 332 35.98 3.38 -2.71
N ASN B 333 34.99 2.67 -2.17
CA ASN B 333 34.24 1.69 -2.95
C ASN B 333 33.25 2.26 -3.97
N SER B 334 33.04 3.57 -3.95
CA SER B 334 32.09 4.20 -4.87
C SER B 334 32.75 4.92 -6.04
N ARG B 335 34.07 4.94 -6.08
CA ARG B 335 34.79 5.61 -7.17
C ARG B 335 35.23 4.65 -8.29
N PHE B 336 34.29 4.16 -9.08
CA PHE B 336 34.63 3.25 -10.19
C PHE B 336 35.09 4.05 -11.41
N PRO B 337 35.93 3.44 -12.27
CA PRO B 337 36.38 4.16 -13.46
C PRO B 337 35.34 4.32 -14.57
N GLY B 338 35.33 5.50 -15.20
CA GLY B 338 34.44 5.78 -16.30
C GLY B 338 32.93 5.81 -16.09
N VAL B 339 32.48 5.80 -14.84
CA VAL B 339 31.05 5.82 -14.60
C VAL B 339 30.64 6.97 -13.70
N GLU B 340 29.37 7.35 -13.80
CA GLU B 340 28.80 8.41 -13.00
C GLU B 340 28.26 7.77 -11.73
N ARG B 341 28.09 8.57 -10.69
CA ARG B 341 27.56 8.08 -9.44
C ARG B 341 26.78 9.19 -8.76
N LEU B 342 25.88 8.81 -7.85
CA LEU B 342 25.10 9.77 -7.09
C LEU B 342 26.08 10.75 -6.45
N PRO B 343 25.69 12.02 -6.33
CA PRO B 343 26.56 13.04 -5.73
C PRO B 343 26.73 12.95 -4.21
N ASN B 344 25.85 12.19 -3.56
CA ASN B 344 25.85 12.08 -2.11
C ASN B 344 26.43 10.81 -1.49
N THR B 345 26.72 9.81 -2.31
CA THR B 345 27.20 8.54 -1.79
C THR B 345 28.70 8.26 -1.75
N CYS B 346 29.15 7.76 -0.61
CA CYS B 346 30.56 7.41 -0.40
C CYS B 346 30.64 6.13 0.41
N ASN B 347 30.74 5.00 -0.30
CA ASN B 347 30.87 3.70 0.34
C ASN B 347 32.37 3.52 0.47
N PHE B 348 32.85 3.19 1.66
CA PHE B 348 34.29 3.04 1.84
C PHE B 348 34.64 1.94 2.83
N SER B 349 35.92 1.56 2.86
CA SER B 349 36.39 0.53 3.76
C SER B 349 37.79 0.92 4.23
N ILE B 350 38.10 0.58 5.47
CA ILE B 350 39.43 0.85 5.99
C ILE B 350 40.08 -0.51 6.22
N GLN B 351 41.30 -0.66 5.70
CA GLN B 351 42.06 -1.90 5.84
C GLN B 351 42.26 -2.28 7.30
N GLY B 352 42.07 -3.56 7.61
CA GLY B 352 42.24 -4.03 8.98
C GLY B 352 41.24 -5.09 9.36
N SER B 353 41.73 -6.19 9.92
CA SER B 353 40.88 -7.30 10.33
C SER B 353 39.84 -6.90 11.38
N GLN B 354 40.17 -5.90 12.19
CA GLN B 354 39.28 -5.46 13.27
C GLN B 354 38.28 -4.40 12.82
N LEU B 355 38.38 -3.98 11.57
CA LEU B 355 37.52 -2.91 11.08
C LEU B 355 36.32 -3.32 10.23
N ARG B 356 35.61 -4.36 10.66
CA ARG B 356 34.41 -4.79 9.95
C ARG B 356 33.45 -3.60 10.04
N GLY B 357 32.74 -3.33 8.95
CA GLY B 357 31.82 -2.20 8.94
C GLY B 357 30.94 -2.02 10.16
N TYR B 358 30.17 -3.04 10.52
CA TYR B 358 29.26 -2.92 11.66
C TYR B 358 29.96 -2.72 13.00
N MET B 359 31.22 -3.14 13.08
CA MET B 359 31.99 -2.98 14.31
C MET B 359 32.46 -1.54 14.43
N VAL B 360 32.85 -0.96 13.30
CA VAL B 360 33.31 0.42 13.28
C VAL B 360 32.17 1.35 13.67
N LEU B 361 31.01 1.17 13.04
CA LEU B 361 29.86 2.03 13.34
C LEU B 361 29.40 1.89 14.78
N ALA B 362 29.51 0.68 15.33
CA ALA B 362 29.09 0.43 16.70
C ALA B 362 29.91 1.28 17.66
N GLN B 363 31.19 1.47 17.35
CA GLN B 363 32.08 2.27 18.18
C GLN B 363 31.94 3.78 17.94
N CYS B 364 31.26 4.17 16.88
CA CYS B 364 31.09 5.59 16.59
C CYS B 364 30.07 6.18 17.56
N GLN B 365 30.32 7.38 18.04
CA GLN B 365 29.43 8.03 19.01
C GLN B 365 28.55 9.12 18.41
N THR B 366 28.89 9.57 17.21
CA THR B 366 28.13 10.64 16.57
C THR B 366 27.57 10.24 15.21
N LEU B 367 28.41 9.63 14.39
CA LEU B 367 28.02 9.20 13.05
C LEU B 367 26.91 8.16 13.02
N LEU B 368 25.93 8.39 12.14
CA LEU B 368 24.82 7.48 11.96
C LEU B 368 24.88 7.12 10.48
N ALA B 369 25.19 5.86 10.19
CA ALA B 369 25.28 5.40 8.81
C ALA B 369 24.87 3.94 8.76
N SER B 370 25.31 3.24 7.72
CA SER B 370 24.96 1.83 7.58
C SER B 370 26.06 1.09 6.82
N VAL B 371 25.91 -0.23 6.68
CA VAL B 371 26.88 -1.04 5.96
C VAL B 371 26.31 -1.55 4.64
N GLY B 372 25.05 -1.20 4.38
CA GLY B 372 24.40 -1.61 3.15
C GLY B 372 22.92 -1.33 3.22
N ALA B 373 22.14 -2.10 2.46
CA ALA B 373 20.69 -1.92 2.47
C ALA B 373 20.17 -2.17 3.89
N SER B 374 19.31 -1.26 4.38
CA SER B 374 18.73 -1.38 5.72
C SER B 374 18.07 -2.74 5.81
N CYS B 375 17.54 -3.13 4.66
CA CYS B 375 16.84 -4.38 4.45
C CYS B 375 17.69 -5.60 4.89
N HIS B 376 19.00 -5.43 5.04
CA HIS B 376 19.87 -6.55 5.45
C HIS B 376 20.64 -6.26 6.74
N SER B 377 20.08 -5.38 7.57
CA SER B 377 20.76 -5.01 8.81
C SER B 377 20.81 -6.13 9.86
N ASP B 378 20.13 -7.24 9.60
CA ASP B 378 20.11 -8.34 10.55
C ASP B 378 21.27 -9.32 10.29
N HIS B 379 22.05 -9.06 9.24
CA HIS B 379 23.21 -9.88 8.89
C HIS B 379 24.35 -8.98 8.41
N GLU B 380 24.75 -8.06 9.27
CA GLU B 380 25.80 -7.09 8.98
C GLU B 380 27.21 -7.67 9.02
N ASP B 381 27.31 -8.90 9.52
CA ASP B 381 28.60 -9.58 9.61
C ASP B 381 28.94 -10.24 8.26
N ARG B 382 27.95 -10.29 7.37
CA ARG B 382 28.17 -10.89 6.05
C ARG B 382 28.49 -9.81 5.04
N PRO B 383 29.47 -10.06 4.16
CA PRO B 383 29.81 -9.06 3.15
C PRO B 383 28.65 -8.81 2.21
N SER B 384 28.46 -7.54 1.83
CA SER B 384 27.38 -7.17 0.94
C SER B 384 27.46 -7.89 -0.39
N PRO B 385 26.41 -8.64 -0.75
CA PRO B 385 26.37 -9.38 -2.02
C PRO B 385 26.59 -8.42 -3.18
N VAL B 386 26.03 -7.22 -3.04
CA VAL B 386 26.15 -6.18 -4.04
C VAL B 386 27.60 -5.76 -4.24
N LEU B 387 28.31 -5.50 -3.16
CA LEU B 387 29.70 -5.10 -3.29
C LEU B 387 30.50 -6.25 -3.91
N LEU B 388 30.20 -7.46 -3.48
CA LEU B 388 30.92 -8.62 -4.02
C LEU B 388 30.65 -8.69 -5.52
N SER B 389 29.41 -8.44 -5.92
CA SER B 389 29.06 -8.47 -7.33
C SER B 389 29.81 -7.40 -8.12
N CYS B 390 30.23 -6.34 -7.43
CA CYS B 390 30.93 -5.24 -8.09
C CYS B 390 32.45 -5.41 -8.08
N GLY B 391 32.91 -6.63 -7.82
CA GLY B 391 34.34 -6.89 -7.82
C GLY B 391 35.07 -6.51 -6.56
N ILE B 392 34.35 -5.99 -5.57
CA ILE B 392 34.97 -5.60 -4.31
C ILE B 392 35.41 -6.87 -3.57
N PRO B 393 36.71 -6.96 -3.23
CA PRO B 393 37.27 -8.12 -2.51
C PRO B 393 36.50 -8.40 -1.23
N VAL B 394 36.40 -9.67 -0.86
CA VAL B 394 35.68 -10.06 0.34
C VAL B 394 36.08 -9.31 1.61
N ASP B 395 37.38 -9.22 1.88
CA ASP B 395 37.79 -8.51 3.09
C ASP B 395 37.51 -7.01 3.01
N VAL B 396 37.47 -6.46 1.81
CA VAL B 396 37.17 -5.03 1.67
C VAL B 396 35.67 -4.84 1.91
N ALA B 397 34.86 -5.74 1.37
CA ALA B 397 33.41 -5.67 1.53
C ALA B 397 32.97 -5.87 2.97
N ARG B 398 33.74 -6.65 3.74
CA ARG B 398 33.43 -6.89 5.13
C ARG B 398 33.62 -5.63 5.96
N ASN B 399 34.52 -4.76 5.53
CA ASN B 399 34.80 -3.51 6.25
C ASN B 399 34.07 -2.30 5.66
N ALA B 400 33.24 -2.55 4.66
CA ALA B 400 32.51 -1.46 4.00
C ALA B 400 31.48 -0.75 4.87
N VAL B 401 31.48 0.57 4.77
CA VAL B 401 30.53 1.43 5.47
C VAL B 401 29.96 2.36 4.43
N ARG B 402 28.64 2.47 4.38
CA ARG B 402 28.02 3.36 3.40
C ARG B 402 27.63 4.69 4.01
N LEU B 403 28.26 5.76 3.53
CA LEU B 403 27.93 7.09 3.98
C LEU B 403 27.16 7.73 2.83
N SER B 404 25.97 8.24 3.13
CA SER B 404 25.15 8.92 2.13
C SER B 404 24.70 10.23 2.79
N VAL B 405 25.23 11.35 2.27
CA VAL B 405 24.93 12.67 2.82
C VAL B 405 23.61 13.26 2.28
N GLY B 406 23.17 14.37 2.85
CA GLY B 406 21.91 14.96 2.43
C GLY B 406 21.88 16.45 2.20
N ARG B 407 20.68 16.99 2.02
CA ARG B 407 20.45 18.40 1.76
C ARG B 407 21.02 19.36 2.81
N SER B 408 21.01 18.93 4.06
CA SER B 408 21.48 19.76 5.16
C SER B 408 22.89 19.50 5.68
N THR B 409 23.49 18.38 5.29
CA THR B 409 24.82 18.03 5.78
C THR B 409 25.85 19.14 5.55
N THR B 410 26.67 19.43 6.56
CA THR B 410 27.66 20.48 6.40
C THR B 410 29.08 19.93 6.48
N ARG B 411 30.05 20.77 6.13
CA ARG B 411 31.45 20.36 6.18
C ARG B 411 31.85 20.14 7.63
N ALA B 412 31.26 20.90 8.55
CA ALA B 412 31.58 20.75 9.95
C ALA B 412 31.11 19.37 10.44
N GLU B 413 30.00 18.89 9.89
CA GLU B 413 29.48 17.58 10.29
C GLU B 413 30.39 16.48 9.73
N VAL B 414 30.98 16.73 8.57
CA VAL B 414 31.90 15.79 7.96
C VAL B 414 33.11 15.67 8.87
N ASP B 415 33.64 16.81 9.28
CA ASP B 415 34.80 16.84 10.17
C ASP B 415 34.52 16.05 11.45
N LEU B 416 33.33 16.23 12.00
CA LEU B 416 32.95 15.55 13.24
C LEU B 416 32.99 14.03 13.12
N ILE B 417 32.42 13.50 12.04
CA ILE B 417 32.39 12.05 11.87
C ILE B 417 33.71 11.47 11.40
N VAL B 418 34.56 12.29 10.78
CA VAL B 418 35.87 11.78 10.37
C VAL B 418 36.65 11.54 11.66
N GLN B 419 36.51 12.46 12.61
CA GLN B 419 37.18 12.32 13.90
C GLN B 419 36.54 11.19 14.69
N ASP B 420 35.23 10.98 14.53
CA ASP B 420 34.54 9.91 15.22
C ASP B 420 35.08 8.59 14.69
N LEU B 421 35.22 8.50 13.37
CA LEU B 421 35.75 7.29 12.74
C LEU B 421 37.19 7.01 13.19
N LYS B 422 38.00 8.06 13.26
CA LYS B 422 39.40 7.93 13.67
C LYS B 422 39.51 7.26 15.03
N GLN B 423 38.69 7.68 15.99
CA GLN B 423 38.71 7.10 17.31
C GLN B 423 38.21 5.66 17.31
N ALA B 424 37.19 5.37 16.52
CA ALA B 424 36.64 4.02 16.43
C ALA B 424 37.68 3.07 15.85
N VAL B 425 38.40 3.53 14.83
CA VAL B 425 39.42 2.70 14.20
C VAL B 425 40.57 2.46 15.17
N ASN B 426 41.01 3.53 15.83
CA ASN B 426 42.11 3.42 16.77
C ASN B 426 41.79 2.47 17.92
N GLN B 427 40.51 2.38 18.27
CA GLN B 427 40.09 1.49 19.33
C GLN B 427 40.06 0.03 18.88
N LEU B 428 39.57 -0.21 17.66
CA LEU B 428 39.47 -1.57 17.15
C LEU B 428 40.77 -2.13 16.59
N GLU B 429 41.33 -1.45 15.60
CA GLU B 429 42.57 -1.89 14.96
C GLU B 429 43.80 -1.51 15.76
N GLY B 430 43.71 -0.39 16.46
CA GLY B 430 44.84 0.08 17.24
C GLY B 430 45.77 0.88 16.34
N PRO B 431 46.85 1.45 16.88
CA PRO B 431 47.76 2.23 16.02
C PRO B 431 48.53 1.36 15.03
N VAL B 432 48.88 1.93 13.88
CA VAL B 432 49.66 1.23 12.86
C VAL B 432 50.80 2.13 12.43
#